data_6PWX
#
_entry.id   6PWX
#
_cell.length_a   1.00
_cell.length_b   1.00
_cell.length_c   1.00
_cell.angle_alpha   90.00
_cell.angle_beta   90.00
_cell.angle_gamma   90.00
#
_symmetry.space_group_name_H-M   'P 1'
#
loop_
_entity.id
_entity.type
_entity.pdbx_description
1 polymer 'Retinoblastoma-binding protein 5'
2 polymer 'Histone H3.2'
3 polymer 'Histone H4'
4 polymer 'Histone H2A type 1'
5 polymer 'Histone H2B 1.1'
6 polymer 'DNA (146-MER)'
7 polymer 'DNA (146-MER)'
#
loop_
_entity_poly.entity_id
_entity_poly.type
_entity_poly.pdbx_seq_one_letter_code
_entity_poly.pdbx_strand_id
1 'polypeptide(L)'
;SNLELLESFGQNYPEEADGTLDCISMALTCTFNRWGTLLAVGCNDGRIVIWDFLTRGIAKIISAHIHPVCSLCWSRDGHK
LVSASTDNIVSQWDVLSGDCDQRFRFPSPILKVQYHPRDQNKVLVCPMKSAPVMLTLSDSKHVVLPVDDDSDLNVVASFD
RRGEYIYTGNAKGKILVLKTDSQDLVASFRVTTGTSNTTAIKSIEFARKGSCFLINTADRIIRVYDGREILTCGRDGEPE
PMQKLQDLVNRTPWKKCCFSGDGEYIVAGSARQHALYIWEKSIGNLVKILHGTRGELLLDVAWHPVRPIIASISSGVVSI
WAQNQVENWSAFAPDFKELDENVEYEERESEFDIEDEDKSEPEQTGADAAEDEEVDVTSVDPIAAFCSSDEELEDSKALL
YLPIAPEVEDPEENPYGPPPDAVQTSLMDEGASSEKKRQSSADGSQPPKKKPKTTNIELQGVPNDEVHPLLGVKGDGKSK
KKQAGRPKGSKGKEKDSPFKPKLYKGDRGLPLEGSAKGKVQAELSQPLTAGGAISELL
;
A
2 'polypeptide(L)'
;MARTKQTARKSTGGKAPRKQLATKAARKSAPATGGVKKPHRYRPGTVALREIRRYQKSTELLIRKLPFQRLVREIAQDFK
TDLRFQSSAVMALQEASEAYLVALFEDTNLCAIHAKRVTIMPKDIQLARRIRGERA
;
G,K
3 'polypeptide(L)'
;MSGRGKGGKGLGKGGAKRHRKVLRDNIQGITKPAIRRLARRGGVKRISGLIYEETRGVLKVFLENVIRDAVTYTEHAKRK
TVTAMDVVYALKRQGRTLYGFGG
;
H,L
4 'polypeptide(L)'
;SGRGKQGGKTRAKAKTRSSRAGLQFPVGRVHRLLRKGNYAERVGAGAPVYLAAVLEYLTAEILELAGNAARDNKKTRIIP
RHLQLAVRNDEELNKLLGRVTIAQGGVLPNIQSVLLPKKTESSKSAKSK
;
I,M
5 'polypeptide(L)'
;MAKSAPAPKKGSKKAVTKTQKKDGKKRRKTRKESYAIYVYKVLKQVHPDTGISSKAMSIMNSFVNDVFERIAGEASRLAH
YNKRSTITSREIQTAVRLLLPGELAKHAVSEGTKAVTKYTSAK
;
J,N
6 'polydeoxyribonucleotide'
;(DA)(DT)(DC)(DG)(DA)(DG)(DA)(DA)(DT)(DC)(DC)(DC)(DG)(DG)(DT)(DG)(DC)(DC)(DG)(DA)
(DG)(DG)(DC)(DC)(DG)(DC)(DT)(DC)(DA)(DA)(DT)(DT)(DG)(DG)(DT)(DC)(DG)(DT)(DA)(DG)
(DA)(DC)(DA)(DG)(DC)(DT)(DC)(DT)(DA)(DG)(DC)(DA)(DC)(DC)(DG)(DC)(DT)(DT)(DA)(DA)
(DA)(DC)(DG)(DC)(DA)(DC)(DG)(DT)(DA)(DC)(DG)(DC)(DG)(DC)(DT)(DG)(DT)(DC)(DC)(DC)
(DC)(DC)(DG)(DC)(DG)(DT)(DT)(DT)(DT)(DA)(DA)(DC)(DC)(DG)(DC)(DC)(DA)(DA)(DG)(DG)
(DG)(DG)(DA)(DT)(DT)(DA)(DC)(DT)(DC)(DC)(DC)(DT)(DA)(DG)(DT)(DC)(DT)(DC)(DC)(DA)
(DG)(DG)(DC)(DA)(DC)(DG)(DT)(DG)(DT)(DC)(DA)(DG)(DA)(DT)(DA)(DT)(DA)(DT)(DA)(DC)
(DA)(DT)(DC)(DC)(DG)(DA)(DT)
;
O
7 'polydeoxyribonucleotide'
;(DA)(DT)(DC)(DG)(DG)(DA)(DT)(DG)(DT)(DA)(DT)(DA)(DT)(DA)(DT)(DC)(DT)(DG)(DA)(DC)
(DA)(DC)(DG)(DT)(DG)(DC)(DC)(DT)(DG)(DG)(DA)(DG)(DA)(DC)(DT)(DA)(DG)(DG)(DG)(DA)
(DG)(DT)(DA)(DA)(DT)(DC)(DC)(DC)(DC)(DT)(DT)(DG)(DG)(DC)(DG)(DG)(DT)(DT)(DA)(DA)
(DA)(DA)(DC)(DG)(DC)(DG)(DG)(DG)(DG)(DG)(DA)(DC)(DA)(DG)(DC)(DG)(DC)(DG)(DT)(DA)
(DC)(DG)(DT)(DG)(DC)(DG)(DT)(DT)(DT)(DA)(DA)(DG)(DC)(DG)(DG)(DT)(DG)(DC)(DT)(DA)
(DG)(DA)(DG)(DC)(DT)(DG)(DT)(DC)(DT)(DA)(DC)(DG)(DA)(DC)(DC)(DA)(DA)(DT)(DT)(DG)
(DA)(DG)(DC)(DG)(DG)(DC)(DC)(DT)(DC)(DG)(DG)(DC)(DA)(DC)(DC)(DG)(DG)(DG)(DA)(DT)
(DT)(DC)(DT)(DC)(DG)(DA)(DT)
;
P
#
# COMPACT_ATOMS: atom_id res chain seq x y z
N ASP A 18 -35.14 22.07 -19.45
CA ASP A 18 -36.30 22.81 -18.95
C ASP A 18 -36.82 23.77 -20.02
N GLY A 19 -36.48 23.50 -21.27
CA GLY A 19 -36.91 24.33 -22.37
C GLY A 19 -36.05 24.11 -23.59
N THR A 20 -36.45 24.77 -24.67
CA THR A 20 -35.73 24.68 -25.93
C THR A 20 -36.17 25.85 -26.82
N LEU A 21 -35.63 25.88 -28.04
CA LEU A 21 -35.98 26.90 -29.03
C LEU A 21 -36.02 26.21 -30.38
N ASP A 22 -37.20 25.75 -30.77
CA ASP A 22 -37.37 25.07 -32.06
C ASP A 22 -37.47 26.04 -33.23
N CYS A 23 -37.90 27.28 -32.98
CA CYS A 23 -37.89 28.29 -34.02
C CYS A 23 -36.46 28.59 -34.47
N ILE A 24 -35.49 28.42 -33.60
CA ILE A 24 -34.08 28.59 -33.93
C ILE A 24 -33.53 27.26 -34.42
N SER A 25 -32.93 27.28 -35.61
CA SER A 25 -32.36 26.09 -36.21
C SER A 25 -30.97 26.41 -36.74
N MET A 26 -30.21 25.36 -37.05
CA MET A 26 -28.86 25.47 -37.62
C MET A 26 -27.90 26.21 -36.69
N ALA A 27 -28.21 26.26 -35.40
CA ALA A 27 -27.42 27.03 -34.46
C ALA A 27 -25.98 26.51 -34.37
N LEU A 28 -25.05 27.42 -34.12
CA LEU A 28 -23.68 27.01 -33.84
C LEU A 28 -23.11 27.66 -32.59
N THR A 29 -23.44 28.93 -32.32
CA THR A 29 -22.90 29.66 -31.18
C THR A 29 -24.02 30.39 -30.46
N CYS A 30 -23.71 30.83 -29.24
CA CYS A 30 -24.65 31.58 -28.43
C CYS A 30 -23.88 32.56 -27.55
N THR A 31 -24.36 33.80 -27.48
CA THR A 31 -23.73 34.84 -26.68
C THR A 31 -24.80 35.69 -26.03
N PHE A 32 -24.45 36.32 -24.91
CA PHE A 32 -25.36 37.17 -24.16
C PHE A 32 -24.88 38.61 -24.20
N ASN A 33 -25.84 39.54 -24.24
CA ASN A 33 -25.53 40.97 -24.26
C ASN A 33 -25.24 41.44 -22.84
N ARG A 34 -25.20 42.77 -22.66
CA ARG A 34 -24.98 43.33 -21.33
C ARG A 34 -26.06 42.88 -20.36
N TRP A 35 -27.32 42.96 -20.79
CA TRP A 35 -28.44 42.53 -19.97
C TRP A 35 -28.83 41.08 -20.22
N GLY A 36 -28.16 40.41 -21.16
CA GLY A 36 -28.42 39.00 -21.43
C GLY A 36 -29.80 38.72 -21.99
N THR A 37 -30.52 39.76 -22.38
CA THR A 37 -31.87 39.62 -22.88
C THR A 37 -31.93 39.19 -24.32
N LEU A 38 -30.81 39.26 -25.05
CA LEU A 38 -30.74 38.86 -26.45
C LEU A 38 -29.67 37.80 -26.61
N LEU A 39 -30.04 36.68 -27.24
CA LEU A 39 -29.11 35.59 -27.54
C LEU A 39 -28.77 35.65 -29.01
N ALA A 40 -27.49 35.84 -29.32
CA ALA A 40 -27.03 35.83 -30.70
C ALA A 40 -26.70 34.42 -31.12
N VAL A 41 -27.31 33.95 -32.20
CA VAL A 41 -27.14 32.59 -32.69
C VAL A 41 -26.55 32.69 -34.09
N GLY A 42 -25.26 32.35 -34.22
CA GLY A 42 -24.63 32.24 -35.52
C GLY A 42 -25.00 30.93 -36.17
N CYS A 43 -25.83 30.98 -37.19
CA CYS A 43 -26.45 29.78 -37.74
C CYS A 43 -25.51 29.07 -38.70
N ASN A 44 -25.90 27.84 -39.07
CA ASN A 44 -25.08 27.04 -39.98
C ASN A 44 -25.05 27.63 -41.38
N ASP A 45 -26.12 28.30 -41.79
CA ASP A 45 -26.19 28.92 -43.11
C ASP A 45 -25.59 30.32 -43.14
N GLY A 46 -24.87 30.71 -42.09
CA GLY A 46 -24.19 31.99 -42.08
C GLY A 46 -25.03 33.17 -41.68
N ARG A 47 -26.17 32.96 -41.02
CA ARG A 47 -27.02 34.03 -40.55
C ARG A 47 -26.90 34.16 -39.04
N ILE A 48 -27.29 35.32 -38.53
CA ILE A 48 -27.24 35.63 -37.10
C ILE A 48 -28.66 35.93 -36.65
N VAL A 49 -29.21 35.06 -35.81
CA VAL A 49 -30.53 35.25 -35.23
C VAL A 49 -30.33 35.83 -33.83
N ILE A 50 -30.64 37.11 -33.66
CA ILE A 50 -30.66 37.74 -32.35
C ILE A 50 -32.05 37.51 -31.79
N TRP A 51 -32.18 36.49 -30.94
CA TRP A 51 -33.46 36.08 -30.39
C TRP A 51 -33.68 36.72 -29.03
N ASP A 52 -34.86 37.29 -28.82
CA ASP A 52 -35.15 37.99 -27.58
C ASP A 52 -35.61 37.00 -26.51
N PHE A 53 -35.14 37.22 -25.28
CA PHE A 53 -35.46 36.32 -24.18
C PHE A 53 -36.84 36.61 -23.61
N LEU A 54 -37.21 37.88 -23.48
CA LEU A 54 -38.47 38.23 -22.84
C LEU A 54 -39.66 37.75 -23.68
N THR A 55 -39.75 38.21 -24.93
CA THR A 55 -40.86 37.81 -25.78
C THR A 55 -40.75 36.37 -26.26
N ARG A 56 -39.63 35.69 -25.99
CA ARG A 56 -39.40 34.33 -26.46
C ARG A 56 -39.55 34.23 -27.98
N GLY A 57 -39.10 35.28 -28.66
CA GLY A 57 -39.24 35.36 -30.10
C GLY A 57 -38.06 36.08 -30.72
N ILE A 58 -38.11 36.21 -32.04
CA ILE A 58 -37.01 36.80 -32.79
C ILE A 58 -36.98 38.30 -32.57
N ALA A 59 -35.84 38.82 -32.13
CA ALA A 59 -35.64 40.26 -32.07
C ALA A 59 -35.03 40.83 -33.34
N LYS A 60 -34.23 40.02 -34.04
CA LYS A 60 -33.61 40.44 -35.30
C LYS A 60 -33.05 39.21 -35.99
N ILE A 61 -32.97 39.29 -37.32
CA ILE A 61 -32.31 38.27 -38.13
C ILE A 61 -31.48 38.98 -39.19
N ILE A 62 -30.18 38.71 -39.21
CA ILE A 62 -29.25 39.33 -40.14
C ILE A 62 -28.55 38.23 -40.92
N SER A 63 -28.86 38.12 -42.21
CA SER A 63 -28.17 37.14 -43.05
C SER A 63 -26.76 37.64 -43.32
N ALA A 64 -25.80 37.21 -42.49
CA ALA A 64 -24.45 37.73 -42.58
C ALA A 64 -23.71 37.17 -43.79
N HIS A 65 -23.54 35.86 -43.84
CA HIS A 65 -22.80 35.20 -44.91
C HIS A 65 -23.45 33.85 -45.17
N ILE A 66 -22.73 32.97 -45.86
CA ILE A 66 -23.17 31.60 -46.08
C ILE A 66 -22.34 30.59 -45.29
N HIS A 67 -21.26 31.03 -44.66
CA HIS A 67 -20.37 30.15 -43.91
C HIS A 67 -20.80 30.07 -42.45
N PRO A 68 -20.75 28.90 -41.82
CA PRO A 68 -21.17 28.79 -40.42
C PRO A 68 -20.32 29.67 -39.51
N VAL A 69 -20.98 30.32 -38.56
CA VAL A 69 -20.32 31.25 -37.65
C VAL A 69 -19.68 30.43 -36.52
N CYS A 70 -18.35 30.52 -36.42
CA CYS A 70 -17.63 29.77 -35.39
C CYS A 70 -17.74 30.42 -34.02
N SER A 71 -17.91 31.75 -33.98
CA SER A 71 -17.99 32.45 -32.70
C SER A 71 -18.62 33.82 -32.90
N LEU A 72 -19.28 34.30 -31.85
CA LEU A 72 -19.82 35.64 -31.79
C LEU A 72 -19.39 36.28 -30.48
N CYS A 73 -19.68 37.57 -30.34
CA CYS A 73 -19.38 38.28 -29.11
C CYS A 73 -20.20 39.57 -29.05
N TRP A 74 -20.85 39.80 -27.92
CA TRP A 74 -21.71 40.96 -27.74
C TRP A 74 -20.90 42.16 -27.29
N SER A 75 -21.45 43.35 -27.53
CA SER A 75 -20.82 44.58 -27.11
C SER A 75 -21.12 44.88 -25.64
N ARG A 76 -20.34 45.79 -25.05
CA ARG A 76 -20.56 46.16 -23.66
C ARG A 76 -21.89 46.86 -23.48
N ASP A 77 -22.28 47.70 -24.44
CA ASP A 77 -23.58 48.37 -24.41
C ASP A 77 -24.69 47.55 -25.05
N GLY A 78 -24.37 46.34 -25.52
CA GLY A 78 -25.38 45.51 -26.17
C GLY A 78 -25.89 46.07 -27.47
N HIS A 79 -25.01 46.67 -28.27
CA HIS A 79 -25.39 47.27 -29.54
C HIS A 79 -24.66 46.68 -30.73
N LYS A 80 -23.36 46.42 -30.61
CA LYS A 80 -22.58 45.87 -31.70
C LYS A 80 -22.47 44.36 -31.56
N LEU A 81 -22.13 43.70 -32.67
CA LEU A 81 -21.89 42.27 -32.67
C LEU A 81 -20.80 41.96 -33.70
N VAL A 82 -20.09 40.85 -33.46
CA VAL A 82 -19.00 40.44 -34.33
C VAL A 82 -19.21 38.98 -34.71
N SER A 83 -19.11 38.69 -36.01
CA SER A 83 -19.22 37.35 -36.55
C SER A 83 -17.88 36.90 -37.11
N ALA A 84 -17.62 35.59 -37.01
CA ALA A 84 -16.40 34.98 -37.52
C ALA A 84 -16.81 33.75 -38.32
N SER A 85 -16.96 33.92 -39.63
CA SER A 85 -17.41 32.82 -40.46
C SER A 85 -16.23 31.89 -40.80
N THR A 86 -16.55 30.68 -41.23
CA THR A 86 -15.55 29.72 -41.65
C THR A 86 -14.93 30.08 -42.99
N ASP A 87 -15.31 31.20 -43.58
CA ASP A 87 -14.69 31.74 -44.78
C ASP A 87 -13.46 32.57 -44.46
N ASN A 88 -12.86 32.38 -43.28
CA ASN A 88 -11.76 33.19 -42.78
C ASN A 88 -12.13 34.67 -42.71
N ILE A 89 -13.41 34.96 -42.50
CA ILE A 89 -13.94 36.32 -42.57
C ILE A 89 -14.39 36.73 -41.18
N VAL A 90 -13.80 37.82 -40.68
CA VAL A 90 -14.24 38.46 -39.45
C VAL A 90 -14.99 39.74 -39.82
N SER A 91 -16.18 39.90 -39.26
CA SER A 91 -17.06 41.00 -39.64
C SER A 91 -17.71 41.58 -38.39
N GLN A 92 -18.07 42.86 -38.46
CA GLN A 92 -18.80 43.55 -37.42
C GLN A 92 -20.12 44.08 -37.98
N TRP A 93 -21.20 43.83 -37.25
CA TRP A 93 -22.54 44.26 -37.62
C TRP A 93 -23.19 44.94 -36.42
N ASP A 94 -24.35 45.56 -36.68
CA ASP A 94 -25.14 46.21 -35.65
C ASP A 94 -26.45 45.44 -35.46
N VAL A 95 -27.04 45.59 -34.27
CA VAL A 95 -28.23 44.83 -33.93
C VAL A 95 -29.45 45.37 -34.67
N LEU A 96 -29.55 46.68 -34.83
CA LEU A 96 -30.75 47.29 -35.39
C LEU A 96 -30.67 47.44 -36.91
N SER A 97 -29.57 48.02 -37.42
CA SER A 97 -29.47 48.25 -38.86
C SER A 97 -29.29 46.94 -39.62
N GLY A 98 -28.57 45.99 -39.04
CA GLY A 98 -28.31 44.74 -39.73
C GLY A 98 -27.40 44.88 -40.92
N ASP A 99 -26.57 45.92 -40.95
CA ASP A 99 -25.64 46.18 -42.04
C ASP A 99 -24.23 45.79 -41.63
N CYS A 100 -23.46 45.32 -42.61
CA CYS A 100 -22.08 44.91 -42.35
C CYS A 100 -21.21 46.14 -42.12
N ASP A 101 -21.04 46.51 -40.84
CA ASP A 101 -20.21 47.66 -40.52
C ASP A 101 -18.76 47.44 -40.94
N GLN A 102 -18.27 46.22 -40.78
CA GLN A 102 -16.90 45.89 -41.16
C GLN A 102 -16.84 44.46 -41.66
N ARG A 103 -15.91 44.19 -42.57
CA ARG A 103 -15.67 42.83 -43.05
C ARG A 103 -14.23 42.72 -43.54
N PHE A 104 -13.53 41.68 -43.09
CA PHE A 104 -12.14 41.47 -43.48
C PHE A 104 -11.86 39.98 -43.54
N ARG A 105 -10.83 39.61 -44.28
CA ARG A 105 -10.41 38.22 -44.43
C ARG A 105 -8.96 38.06 -44.03
N PHE A 106 -8.68 37.01 -43.24
CA PHE A 106 -7.34 36.68 -42.82
C PHE A 106 -7.26 35.17 -42.67
N PRO A 107 -6.13 34.55 -43.05
CA PRO A 107 -6.04 33.08 -42.98
C PRO A 107 -6.01 32.57 -41.54
N SER A 108 -5.81 31.26 -41.37
CA SER A 108 -5.79 30.63 -40.05
C SER A 108 -7.13 30.87 -39.36
N PRO A 109 -8.18 30.15 -39.76
CA PRO A 109 -9.54 30.45 -39.28
C PRO A 109 -9.61 30.61 -37.76
N ILE A 110 -10.50 31.49 -37.33
CA ILE A 110 -10.52 31.96 -35.95
C ILE A 110 -11.35 31.02 -35.10
N LEU A 111 -10.91 30.83 -33.85
CA LEU A 111 -11.66 30.04 -32.87
C LEU A 111 -12.41 30.90 -31.87
N LYS A 112 -11.83 32.02 -31.44
CA LYS A 112 -12.47 32.86 -30.43
C LYS A 112 -12.25 34.32 -30.75
N VAL A 113 -13.35 35.08 -30.74
CA VAL A 113 -13.32 36.53 -30.82
C VAL A 113 -13.94 37.08 -29.54
N GLN A 114 -13.43 38.22 -29.09
CA GLN A 114 -13.85 38.76 -27.80
C GLN A 114 -13.68 40.27 -27.80
N TYR A 115 -14.78 40.99 -27.57
CA TYR A 115 -14.70 42.45 -27.49
C TYR A 115 -13.95 42.88 -26.24
N HIS A 116 -13.38 44.07 -26.29
CA HIS A 116 -12.76 44.67 -25.12
C HIS A 116 -13.84 45.02 -24.11
N PRO A 117 -13.79 44.50 -22.89
CA PRO A 117 -14.89 44.78 -21.93
C PRO A 117 -15.00 46.24 -21.53
N ARG A 118 -13.93 47.01 -21.67
CA ARG A 118 -13.94 48.42 -21.28
C ARG A 118 -13.74 49.36 -22.47
N ASP A 119 -13.63 48.84 -23.69
CA ASP A 119 -13.38 49.64 -24.87
C ASP A 119 -14.15 49.08 -26.05
N GLN A 120 -14.68 49.97 -26.89
CA GLN A 120 -15.46 49.58 -28.06
C GLN A 120 -14.64 49.65 -29.35
N ASN A 121 -13.32 49.52 -29.26
CA ASN A 121 -12.49 49.56 -30.45
C ASN A 121 -11.59 48.33 -30.58
N LYS A 122 -11.03 47.83 -29.49
CA LYS A 122 -10.13 46.70 -29.54
C LYS A 122 -10.90 45.40 -29.41
N VAL A 123 -10.60 44.43 -30.27
CA VAL A 123 -11.24 43.12 -30.26
C VAL A 123 -10.18 42.05 -30.43
N LEU A 124 -10.18 41.08 -29.52
CA LEU A 124 -9.23 39.96 -29.59
C LEU A 124 -9.74 38.90 -30.55
N VAL A 125 -8.82 38.35 -31.34
CA VAL A 125 -9.13 37.37 -32.38
C VAL A 125 -8.04 36.30 -32.33
N CYS A 126 -8.45 35.03 -32.16
CA CYS A 126 -7.51 33.94 -31.98
C CYS A 126 -7.43 33.07 -33.23
N PRO A 127 -6.36 33.18 -34.02
CA PRO A 127 -6.22 32.32 -35.20
C PRO A 127 -5.64 30.96 -34.85
N MET A 128 -5.87 30.00 -35.74
CA MET A 128 -5.35 28.64 -35.55
C MET A 128 -3.82 28.64 -35.56
N LYS A 129 -3.23 29.00 -36.71
CA LYS A 129 -1.79 28.90 -36.90
C LYS A 129 -1.05 30.18 -36.55
N SER A 130 -1.72 31.14 -35.92
CA SER A 130 -1.10 32.41 -35.59
C SER A 130 -1.42 32.78 -34.15
N ALA A 131 -0.57 33.62 -33.57
CA ALA A 131 -0.79 34.13 -32.23
C ALA A 131 -2.02 35.05 -32.22
N PRO A 132 -2.66 35.22 -31.07
CA PRO A 132 -3.84 36.08 -31.01
C PRO A 132 -3.51 37.52 -31.35
N VAL A 133 -4.43 38.17 -32.05
CA VAL A 133 -4.24 39.54 -32.51
C VAL A 133 -5.39 40.38 -32.01
N MET A 134 -5.07 41.57 -31.50
CA MET A 134 -6.06 42.54 -31.04
C MET A 134 -6.19 43.61 -32.12
N LEU A 135 -7.34 43.61 -32.81
CA LEU A 135 -7.60 44.49 -33.93
C LEU A 135 -8.45 45.67 -33.47
N THR A 136 -8.14 46.86 -34.00
CA THR A 136 -8.87 48.07 -33.64
C THR A 136 -10.10 48.21 -34.54
N LEU A 137 -11.24 48.54 -33.92
CA LEU A 137 -12.48 48.76 -34.66
C LEU A 137 -12.50 50.12 -35.35
N SER A 138 -11.70 51.08 -34.86
CA SER A 138 -11.73 52.43 -35.43
C SER A 138 -10.91 52.49 -36.71
N ASP A 139 -9.64 52.10 -36.66
CA ASP A 139 -8.77 52.18 -37.83
C ASP A 139 -8.14 50.82 -38.12
N SER A 140 -7.21 50.79 -39.05
CA SER A 140 -6.55 49.54 -39.47
C SER A 140 -5.26 49.31 -38.66
N LYS A 141 -5.42 49.26 -37.34
CA LYS A 141 -4.30 48.98 -36.45
C LYS A 141 -4.60 47.72 -35.66
N HIS A 142 -3.58 46.89 -35.47
CA HIS A 142 -3.73 45.65 -34.73
C HIS A 142 -2.40 45.29 -34.11
N VAL A 143 -2.46 44.66 -32.94
CA VAL A 143 -1.28 44.25 -32.18
C VAL A 143 -1.27 42.73 -32.11
N VAL A 144 -0.17 42.13 -32.58
CA VAL A 144 -0.01 40.69 -32.48
C VAL A 144 0.58 40.35 -31.12
N LEU A 145 -0.10 39.49 -30.38
CA LEU A 145 0.39 39.11 -29.07
C LEU A 145 1.59 38.18 -29.18
N PRO A 146 2.58 38.31 -28.30
CA PRO A 146 3.77 37.46 -28.38
C PRO A 146 3.49 36.02 -28.01
N VAL A 147 4.53 35.18 -28.08
CA VAL A 147 4.41 33.75 -27.78
C VAL A 147 5.62 33.31 -26.98
N ASP A 148 5.40 32.51 -25.95
CA ASP A 148 6.49 32.06 -25.08
C ASP A 148 7.22 30.87 -25.68
N ASP A 149 6.52 29.75 -25.88
CA ASP A 149 7.14 28.55 -26.37
C ASP A 149 7.50 28.62 -27.86
N ASP A 150 7.00 29.63 -28.58
CA ASP A 150 7.30 29.92 -29.97
C ASP A 150 6.73 28.89 -30.93
N SER A 151 6.10 27.82 -30.44
CA SER A 151 5.57 26.77 -31.30
C SER A 151 4.20 26.33 -30.82
N ASP A 152 3.34 27.29 -30.46
CA ASP A 152 2.00 26.97 -29.99
C ASP A 152 1.18 26.30 -31.08
N LEU A 153 0.90 27.03 -32.16
CA LEU A 153 0.10 26.56 -33.29
C LEU A 153 -1.34 26.25 -32.87
N ASN A 154 -1.63 26.42 -31.57
CA ASN A 154 -2.99 26.36 -31.07
C ASN A 154 -3.00 27.12 -29.75
N VAL A 155 -3.46 28.37 -29.80
CA VAL A 155 -3.31 29.31 -28.71
C VAL A 155 -4.64 30.01 -28.44
N VAL A 156 -4.95 30.22 -27.16
CA VAL A 156 -6.16 30.93 -26.77
C VAL A 156 -5.75 32.19 -26.02
N ALA A 157 -6.70 33.12 -25.89
CA ALA A 157 -6.44 34.36 -25.18
C ALA A 157 -7.77 35.03 -24.86
N SER A 158 -7.76 35.84 -23.80
CA SER A 158 -8.97 36.53 -23.37
C SER A 158 -8.60 37.78 -22.58
N PHE A 159 -9.38 38.84 -22.77
CA PHE A 159 -9.21 40.06 -21.99
C PHE A 159 -9.68 39.84 -20.55
N ASP A 160 -9.06 40.56 -19.62
CA ASP A 160 -9.47 40.47 -18.23
C ASP A 160 -10.79 41.20 -18.00
N ARG A 161 -11.37 40.96 -16.83
CA ARG A 161 -12.65 41.59 -16.50
C ARG A 161 -12.53 43.10 -16.42
N ARG A 162 -11.38 43.60 -15.97
CA ARG A 162 -11.18 45.04 -15.83
C ARG A 162 -10.75 45.71 -17.13
N GLY A 163 -10.64 44.96 -18.22
CA GLY A 163 -10.19 45.53 -19.48
C GLY A 163 -8.79 46.09 -19.43
N GLU A 164 -7.93 45.54 -18.58
CA GLU A 164 -6.58 46.04 -18.42
C GLU A 164 -5.50 45.00 -18.72
N TYR A 165 -5.87 43.74 -18.92
CA TYR A 165 -4.89 42.70 -19.15
C TYR A 165 -5.45 41.67 -20.13
N ILE A 166 -4.54 40.88 -20.70
CA ILE A 166 -4.87 39.81 -21.62
C ILE A 166 -4.15 38.56 -21.13
N TYR A 167 -4.91 37.49 -20.89
CA TYR A 167 -4.33 36.19 -20.56
C TYR A 167 -4.21 35.38 -21.84
N THR A 168 -3.01 34.87 -22.11
CA THR A 168 -2.75 34.08 -23.30
C THR A 168 -2.27 32.69 -22.87
N GLY A 169 -2.98 31.67 -23.33
CA GLY A 169 -2.63 30.29 -23.03
C GLY A 169 -2.14 29.54 -24.25
N ASN A 170 -0.96 28.94 -24.12
CA ASN A 170 -0.31 28.25 -25.22
C ASN A 170 -0.84 26.81 -25.30
N ALA A 171 -0.16 25.98 -26.10
CA ALA A 171 -0.50 24.57 -26.22
C ALA A 171 0.30 23.70 -25.25
N LYS A 172 1.04 24.30 -24.33
CA LYS A 172 1.86 23.55 -23.37
C LYS A 172 1.71 24.12 -21.97
N GLY A 173 0.50 24.54 -21.61
CA GLY A 173 0.20 24.99 -20.27
C GLY A 173 0.80 26.31 -19.85
N LYS A 174 1.67 26.90 -20.67
CA LYS A 174 2.28 28.18 -20.33
C LYS A 174 1.27 29.31 -20.55
N ILE A 175 1.14 30.19 -19.56
CA ILE A 175 0.20 31.30 -19.60
C ILE A 175 0.97 32.59 -19.41
N LEU A 176 0.72 33.55 -20.30
CA LEU A 176 1.33 34.87 -20.24
C LEU A 176 0.25 35.90 -20.03
N VAL A 177 0.32 36.62 -18.92
CA VAL A 177 -0.57 37.74 -18.64
C VAL A 177 0.16 39.01 -19.07
N LEU A 178 -0.36 39.66 -20.11
CA LEU A 178 0.21 40.89 -20.63
C LEU A 178 -0.75 42.05 -20.38
N LYS A 179 -0.23 43.26 -20.52
CA LYS A 179 -1.07 44.44 -20.39
C LYS A 179 -1.87 44.63 -21.67
N THR A 180 -3.15 44.99 -21.53
CA THR A 180 -4.02 45.10 -22.70
C THR A 180 -3.59 46.23 -23.64
N ASP A 181 -2.71 47.13 -23.18
CA ASP A 181 -2.27 48.25 -23.99
C ASP A 181 -0.82 48.11 -24.45
N SER A 182 0.09 47.77 -23.54
CA SER A 182 1.51 47.65 -23.89
C SER A 182 1.95 46.23 -24.20
N GLN A 183 1.13 45.22 -23.83
CA GLN A 183 1.44 43.82 -24.11
C GLN A 183 2.77 43.40 -23.49
N ASP A 184 3.15 44.04 -22.39
CA ASP A 184 4.35 43.68 -21.67
C ASP A 184 4.08 42.56 -20.67
N LEU A 185 5.14 41.85 -20.30
CA LEU A 185 5.00 40.68 -19.43
C LEU A 185 4.75 41.14 -18.00
N VAL A 186 3.48 41.20 -17.61
CA VAL A 186 3.14 41.51 -16.22
C VAL A 186 2.97 40.25 -15.38
N ALA A 187 2.77 39.09 -16.01
CA ALA A 187 2.76 37.83 -15.26
C ALA A 187 3.04 36.68 -16.22
N SER A 188 3.55 35.59 -15.68
CA SER A 188 3.87 34.42 -16.48
C SER A 188 3.90 33.18 -15.57
N PHE A 189 3.33 32.08 -16.05
CA PHE A 189 3.36 30.84 -15.28
C PHE A 189 2.99 29.63 -16.14
N ARG A 190 3.75 28.55 -16.03
CA ARG A 190 3.39 27.30 -16.67
C ARG A 190 2.72 26.40 -15.65
N VAL A 191 1.43 26.15 -15.86
CA VAL A 191 0.64 25.40 -14.89
C VAL A 191 0.98 23.92 -14.99
N THR A 192 0.89 23.22 -13.86
CA THR A 192 1.10 21.79 -13.83
C THR A 192 -0.14 21.06 -14.35
N THR A 193 -0.03 19.74 -14.43
CA THR A 193 -1.15 18.90 -14.85
C THR A 193 -1.33 17.71 -13.92
N GLY A 194 -0.98 17.88 -12.64
CA GLY A 194 -0.96 16.77 -11.72
C GLY A 194 0.27 15.91 -11.95
N THR A 195 0.35 15.28 -13.11
CA THR A 195 1.50 14.48 -13.50
C THR A 195 2.70 15.34 -13.89
N SER A 196 2.65 16.64 -13.64
CA SER A 196 3.73 17.59 -13.92
C SER A 196 4.06 17.68 -15.40
N ASN A 197 3.13 17.30 -16.27
CA ASN A 197 3.32 17.44 -17.70
C ASN A 197 2.72 18.77 -18.17
N THR A 198 2.62 18.96 -19.47
CA THR A 198 2.02 20.14 -20.06
C THR A 198 0.73 19.75 -20.79
N THR A 199 -0.16 20.72 -20.94
CA THR A 199 -1.47 20.49 -21.54
C THR A 199 -1.90 21.71 -22.33
N ALA A 200 -2.40 21.46 -23.53
CA ALA A 200 -2.92 22.53 -24.39
C ALA A 200 -4.12 23.18 -23.72
N ILE A 201 -4.10 24.51 -23.63
CA ILE A 201 -5.17 25.24 -22.97
C ILE A 201 -6.39 25.26 -23.88
N LYS A 202 -7.52 24.74 -23.37
CA LYS A 202 -8.74 24.74 -24.14
C LYS A 202 -9.37 26.13 -24.19
N SER A 203 -9.60 26.73 -23.03
CA SER A 203 -10.26 28.03 -22.96
C SER A 203 -9.82 28.75 -21.70
N ILE A 204 -9.79 30.09 -21.78
CA ILE A 204 -9.53 30.97 -20.64
C ILE A 204 -10.70 31.94 -20.58
N GLU A 205 -11.59 31.76 -19.62
CA GLU A 205 -12.76 32.62 -19.50
C GLU A 205 -12.77 33.31 -18.15
N PHE A 206 -13.66 34.30 -18.02
CA PHE A 206 -13.69 35.18 -16.86
C PHE A 206 -15.10 35.22 -16.29
N ALA A 207 -15.25 35.96 -15.19
CA ALA A 207 -16.53 36.25 -14.57
C ALA A 207 -16.80 37.74 -14.65
N ARG A 208 -18.06 38.11 -14.37
CA ARG A 208 -18.44 39.51 -14.38
C ARG A 208 -18.05 40.23 -13.10
N LYS A 209 -17.81 39.49 -12.02
CA LYS A 209 -17.53 40.07 -10.72
C LYS A 209 -16.05 39.95 -10.37
N GLY A 210 -15.47 41.06 -9.89
CA GLY A 210 -14.11 41.03 -9.38
C GLY A 210 -13.12 40.61 -10.45
N SER A 211 -12.32 39.59 -10.14
CA SER A 211 -11.33 39.08 -11.07
C SER A 211 -11.24 37.56 -11.08
N CYS A 212 -12.10 36.86 -10.36
CA CYS A 212 -12.07 35.40 -10.38
C CYS A 212 -12.40 34.89 -11.77
N PHE A 213 -11.50 34.10 -12.34
CA PHE A 213 -11.64 33.58 -13.69
C PHE A 213 -11.32 32.09 -13.68
N LEU A 214 -11.42 31.46 -14.85
CA LEU A 214 -11.23 30.02 -14.94
C LEU A 214 -10.50 29.67 -16.23
N ILE A 215 -9.78 28.54 -16.17
CA ILE A 215 -9.10 27.97 -17.32
C ILE A 215 -9.58 26.54 -17.48
N ASN A 216 -10.20 26.24 -18.62
CA ASN A 216 -10.50 24.87 -19.00
C ASN A 216 -9.34 24.35 -19.83
N THR A 217 -8.81 23.19 -19.46
CA THR A 217 -7.66 22.62 -20.14
C THR A 217 -8.07 21.36 -20.90
N ALA A 218 -7.10 20.73 -21.55
CA ALA A 218 -7.34 19.49 -22.27
C ALA A 218 -7.19 18.25 -21.39
N ASP A 219 -6.57 18.39 -20.21
CA ASP A 219 -6.47 17.29 -19.27
C ASP A 219 -7.60 17.29 -18.24
N ARG A 220 -8.78 17.76 -18.66
CA ARG A 220 -10.04 17.66 -17.91
C ARG A 220 -9.90 18.17 -16.48
N ILE A 221 -9.33 19.36 -16.34
CA ILE A 221 -9.31 20.05 -15.06
C ILE A 221 -9.56 21.54 -15.24
N ILE A 222 -10.76 21.99 -14.88
CA ILE A 222 -11.05 23.41 -14.82
C ILE A 222 -10.38 23.99 -13.59
N ARG A 223 -9.57 25.01 -13.79
CA ARG A 223 -8.85 25.67 -12.69
C ARG A 223 -9.47 27.03 -12.47
N VAL A 224 -10.04 27.22 -11.27
CA VAL A 224 -10.68 28.47 -10.87
C VAL A 224 -9.61 29.29 -10.16
N TYR A 225 -9.09 30.30 -10.86
CA TYR A 225 -8.02 31.15 -10.37
C TYR A 225 -8.56 32.52 -10.00
N ASP A 226 -7.74 33.28 -9.27
CA ASP A 226 -8.02 34.66 -8.93
C ASP A 226 -6.92 35.52 -9.55
N GLY A 227 -7.31 36.38 -10.49
CA GLY A 227 -6.33 37.15 -11.24
C GLY A 227 -5.49 38.10 -10.41
N ARG A 228 -5.93 38.42 -9.20
CA ARG A 228 -5.15 39.29 -8.33
C ARG A 228 -3.81 38.65 -7.99
N GLU A 229 -3.84 37.40 -7.49
CA GLU A 229 -2.61 36.69 -7.22
C GLU A 229 -1.81 36.45 -8.50
N ILE A 230 -2.49 36.26 -9.63
CA ILE A 230 -1.81 36.07 -10.90
C ILE A 230 -0.96 37.30 -11.23
N LEU A 231 -1.57 38.48 -11.19
CA LEU A 231 -0.82 39.71 -11.41
C LEU A 231 0.23 39.93 -10.33
N THR A 232 -0.01 39.41 -9.13
CA THR A 232 0.93 39.60 -8.04
C THR A 232 2.20 38.78 -8.23
N CYS A 233 2.06 37.53 -8.71
CA CYS A 233 3.22 36.66 -8.85
C CYS A 233 4.17 37.18 -9.93
N GLY A 234 3.64 37.64 -11.05
CA GLY A 234 4.49 38.18 -12.09
C GLY A 234 5.29 37.09 -12.76
N ARG A 235 6.62 37.25 -12.75
CA ARG A 235 7.50 36.30 -13.40
C ARG A 235 7.67 35.04 -12.56
N ASP A 236 7.79 33.91 -13.26
CA ASP A 236 8.04 32.58 -12.69
C ASP A 236 7.20 32.30 -11.45
N GLY A 237 5.95 32.77 -11.44
CA GLY A 237 5.09 32.53 -10.31
C GLY A 237 4.62 31.09 -10.24
N GLU A 238 4.20 30.68 -9.04
CA GLU A 238 3.64 29.36 -8.83
C GLU A 238 2.20 29.48 -8.35
N PRO A 239 1.27 29.92 -9.20
CA PRO A 239 -0.09 30.17 -8.74
C PRO A 239 -0.92 28.90 -8.72
N GLU A 240 -1.65 28.70 -7.63
CA GLU A 240 -2.56 27.57 -7.52
C GLU A 240 -4.00 28.05 -7.60
N PRO A 241 -4.88 27.30 -8.25
CA PRO A 241 -6.25 27.78 -8.47
C PRO A 241 -7.00 27.94 -7.16
N MET A 242 -8.00 28.83 -7.17
CA MET A 242 -8.89 28.94 -6.03
C MET A 242 -9.78 27.70 -5.90
N GLN A 243 -9.97 26.96 -7.00
CA GLN A 243 -10.75 25.74 -6.95
C GLN A 243 -10.38 24.84 -8.12
N LYS A 244 -10.66 23.55 -7.97
CA LYS A 244 -10.45 22.56 -9.01
C LYS A 244 -11.78 21.90 -9.34
N LEU A 245 -12.11 21.83 -10.63
CA LEU A 245 -13.38 21.32 -11.11
C LEU A 245 -13.14 20.24 -12.15
N GLN A 246 -13.89 19.15 -12.04
CA GLN A 246 -13.82 18.06 -13.01
C GLN A 246 -14.92 17.06 -12.67
N ASP A 247 -15.05 16.05 -13.53
CA ASP A 247 -15.98 14.94 -13.33
C ASP A 247 -15.15 13.70 -12.99
N LEU A 248 -15.04 13.42 -11.69
CA LEU A 248 -14.20 12.32 -11.23
C LEU A 248 -14.70 10.96 -11.70
N VAL A 249 -15.98 10.81 -11.98
CA VAL A 249 -16.55 9.49 -12.25
C VAL A 249 -16.58 9.18 -13.74
N ASN A 250 -16.63 10.20 -14.60
CA ASN A 250 -16.69 9.98 -16.04
C ASN A 250 -15.52 10.58 -16.80
N ARG A 251 -14.79 11.54 -16.21
CA ARG A 251 -13.59 12.11 -16.82
C ARG A 251 -13.90 12.71 -18.19
N THR A 252 -14.82 13.67 -18.19
CA THR A 252 -15.31 14.23 -19.44
C THR A 252 -14.54 15.50 -19.80
N PRO A 253 -13.87 15.54 -20.96
CA PRO A 253 -13.32 16.82 -21.44
C PRO A 253 -14.44 17.76 -21.86
N TRP A 254 -14.47 18.94 -21.23
CA TRP A 254 -15.57 19.88 -21.42
C TRP A 254 -15.27 20.77 -22.63
N LYS A 255 -16.27 20.92 -23.50
CA LYS A 255 -16.08 21.74 -24.69
C LYS A 255 -16.04 23.22 -24.35
N LYS A 256 -16.80 23.65 -23.34
CA LYS A 256 -16.84 25.05 -22.95
C LYS A 256 -17.26 25.14 -21.49
N CYS A 257 -16.60 26.02 -20.74
CA CYS A 257 -16.88 26.21 -19.33
C CYS A 257 -16.90 27.70 -19.02
N CYS A 258 -17.85 28.11 -18.19
CA CYS A 258 -18.01 29.51 -17.84
C CYS A 258 -18.77 29.64 -16.54
N PHE A 259 -18.72 30.82 -15.95
CA PHE A 259 -19.40 31.09 -14.69
C PHE A 259 -20.92 31.09 -14.90
N SER A 260 -21.63 31.20 -13.78
CA SER A 260 -23.08 31.37 -13.81
C SER A 260 -23.40 32.85 -14.04
N GLY A 261 -24.67 33.21 -13.84
CA GLY A 261 -25.04 34.61 -13.92
C GLY A 261 -24.44 35.43 -12.80
N ASP A 262 -24.47 34.90 -11.58
CA ASP A 262 -23.94 35.60 -10.41
C ASP A 262 -22.44 35.37 -10.22
N GLY A 263 -21.83 34.42 -10.94
CA GLY A 263 -20.43 34.12 -10.81
C GLY A 263 -20.07 33.22 -9.65
N GLU A 264 -20.94 33.09 -8.64
CA GLU A 264 -20.65 32.18 -7.54
C GLU A 264 -20.67 30.73 -8.00
N TYR A 265 -21.41 30.43 -9.05
CA TYR A 265 -21.45 29.09 -9.62
C TYR A 265 -20.83 29.10 -11.01
N ILE A 266 -20.40 27.92 -11.45
CA ILE A 266 -19.68 27.76 -12.71
C ILE A 266 -20.26 26.56 -13.45
N VAL A 267 -20.57 26.75 -14.74
CA VAL A 267 -21.14 25.71 -15.58
C VAL A 267 -20.09 25.23 -16.57
N ALA A 268 -20.08 23.93 -16.81
CA ALA A 268 -19.20 23.31 -17.79
C ALA A 268 -20.03 22.44 -18.73
N GLY A 269 -19.69 22.48 -20.00
CA GLY A 269 -20.45 21.74 -21.01
C GLY A 269 -19.79 20.45 -21.45
N SER A 270 -20.27 19.33 -20.91
CA SER A 270 -19.78 18.01 -21.30
C SER A 270 -20.37 17.67 -22.67
N ALA A 271 -19.53 17.75 -23.70
CA ALA A 271 -19.99 17.49 -25.06
C ALA A 271 -20.06 16.01 -25.38
N ARG A 272 -19.17 15.20 -24.81
CA ARG A 272 -19.15 13.78 -25.14
C ARG A 272 -20.41 13.07 -24.68
N GLN A 273 -21.00 13.54 -23.57
CA GLN A 273 -22.20 12.92 -23.03
C GLN A 273 -23.39 13.88 -22.99
N HIS A 274 -23.28 15.06 -23.61
CA HIS A 274 -24.40 15.97 -23.80
C HIS A 274 -25.04 16.36 -22.46
N ALA A 275 -24.26 17.08 -21.65
CA ALA A 275 -24.75 17.49 -20.34
C ALA A 275 -24.09 18.79 -19.91
N LEU A 276 -24.65 19.39 -18.86
CA LEU A 276 -24.09 20.58 -18.23
C LEU A 276 -23.89 20.29 -16.75
N TYR A 277 -22.75 20.72 -16.21
CA TYR A 277 -22.40 20.47 -14.82
C TYR A 277 -22.14 21.81 -14.14
N ILE A 278 -22.86 22.11 -13.07
CA ILE A 278 -22.68 23.37 -12.35
C ILE A 278 -22.13 23.08 -10.96
N TRP A 279 -20.97 23.67 -10.66
CA TRP A 279 -20.29 23.64 -9.38
C TRP A 279 -20.35 25.03 -8.74
N GLU A 280 -19.80 25.12 -7.53
CA GLU A 280 -19.65 26.39 -6.83
C GLU A 280 -18.29 27.01 -7.14
N LYS A 281 -17.95 28.08 -6.43
CA LYS A 281 -16.66 28.74 -6.58
C LYS A 281 -15.81 28.64 -5.32
N SER A 282 -16.32 29.13 -4.19
CA SER A 282 -15.57 29.13 -2.94
C SER A 282 -15.25 27.71 -2.50
N ILE A 283 -16.28 26.93 -2.20
CA ILE A 283 -16.08 25.52 -1.89
C ILE A 283 -16.02 24.67 -3.16
N GLY A 284 -16.63 25.13 -4.25
CA GLY A 284 -16.55 24.42 -5.51
C GLY A 284 -17.31 23.12 -5.58
N ASN A 285 -18.10 22.79 -4.57
CA ASN A 285 -18.88 21.56 -4.60
C ASN A 285 -19.90 21.62 -5.73
N LEU A 286 -20.17 20.46 -6.32
CA LEU A 286 -21.08 20.37 -7.45
C LEU A 286 -22.48 20.79 -7.04
N VAL A 287 -22.96 21.91 -7.61
CA VAL A 287 -24.34 22.32 -7.36
C VAL A 287 -25.29 21.26 -7.91
N LYS A 288 -25.22 20.99 -9.20
CA LYS A 288 -26.05 19.93 -9.78
C LYS A 288 -25.57 19.64 -11.20
N ILE A 289 -26.31 18.76 -11.88
CA ILE A 289 -26.03 18.34 -13.25
C ILE A 289 -27.33 18.38 -14.03
N LEU A 290 -27.36 19.17 -15.11
CA LEU A 290 -28.48 19.19 -16.04
C LEU A 290 -28.07 18.34 -17.24
N HIS A 291 -28.46 17.06 -17.21
CA HIS A 291 -28.11 16.13 -18.27
C HIS A 291 -29.21 16.16 -19.32
N GLY A 292 -28.90 16.72 -20.49
CA GLY A 292 -29.86 16.80 -21.56
C GLY A 292 -30.15 15.45 -22.20
N THR A 293 -30.81 15.51 -23.36
CA THR A 293 -31.14 14.30 -24.10
C THR A 293 -29.86 13.61 -24.56
N ARG A 294 -29.79 12.30 -24.33
CA ARG A 294 -28.59 11.55 -24.64
C ARG A 294 -28.28 11.55 -26.13
N GLY A 295 -29.29 11.66 -26.97
CA GLY A 295 -29.13 11.57 -28.41
C GLY A 295 -28.20 12.60 -29.02
N GLU A 296 -28.51 13.88 -28.85
CA GLU A 296 -27.79 14.94 -29.53
C GLU A 296 -26.37 15.09 -28.97
N LEU A 297 -25.60 15.96 -29.62
CA LEU A 297 -24.21 16.23 -29.26
C LEU A 297 -24.10 17.69 -28.84
N LEU A 298 -23.78 17.92 -27.57
CA LEU A 298 -23.69 19.28 -27.05
C LEU A 298 -22.50 20.00 -27.67
N LEU A 299 -22.70 21.27 -28.05
CA LEU A 299 -21.64 22.06 -28.65
C LEU A 299 -21.34 23.33 -27.86
N ASP A 300 -22.35 24.09 -27.47
CA ASP A 300 -22.16 25.38 -26.84
C ASP A 300 -22.95 25.46 -25.53
N VAL A 301 -22.54 26.38 -24.66
CA VAL A 301 -23.19 26.56 -23.37
C VAL A 301 -22.92 27.99 -22.89
N ALA A 302 -23.92 28.60 -22.27
CA ALA A 302 -23.77 29.91 -21.66
C ALA A 302 -24.84 30.09 -20.60
N TRP A 303 -24.62 31.04 -19.71
CA TRP A 303 -25.54 31.36 -18.62
C TRP A 303 -25.98 32.81 -18.72
N HIS A 304 -27.27 33.04 -18.52
CA HIS A 304 -27.82 34.40 -18.51
C HIS A 304 -27.14 35.22 -17.42
N PRO A 305 -26.51 36.34 -17.75
CA PRO A 305 -25.70 37.06 -16.76
C PRO A 305 -26.50 37.63 -15.60
N VAL A 306 -27.78 37.94 -15.78
CA VAL A 306 -28.59 38.54 -14.73
C VAL A 306 -29.83 37.71 -14.42
N ARG A 307 -29.94 36.51 -15.01
CA ARG A 307 -31.10 35.65 -14.80
C ARG A 307 -30.62 34.22 -14.60
N PRO A 308 -31.32 33.43 -13.78
CA PRO A 308 -30.95 32.02 -13.61
C PRO A 308 -31.36 31.15 -14.80
N ILE A 309 -30.88 31.51 -15.98
CA ILE A 309 -31.21 30.79 -17.22
C ILE A 309 -29.92 30.30 -17.85
N ILE A 310 -29.97 29.10 -18.44
CA ILE A 310 -28.83 28.47 -19.07
C ILE A 310 -29.22 28.15 -20.51
N ALA A 311 -28.53 28.77 -21.46
CA ALA A 311 -28.76 28.53 -22.89
C ALA A 311 -27.68 27.59 -23.40
N SER A 312 -28.08 26.38 -23.76
CA SER A 312 -27.16 25.40 -24.35
C SER A 312 -27.47 25.24 -25.84
N ILE A 313 -26.52 24.66 -26.56
CA ILE A 313 -26.67 24.40 -27.98
C ILE A 313 -26.09 23.02 -28.26
N SER A 314 -26.95 22.11 -28.74
CA SER A 314 -26.59 20.72 -28.95
C SER A 314 -26.86 20.34 -30.40
N SER A 315 -25.85 19.80 -31.07
CA SER A 315 -25.97 19.27 -32.44
C SER A 315 -26.52 20.29 -33.42
N GLY A 316 -26.55 21.57 -33.04
CA GLY A 316 -27.03 22.61 -33.92
C GLY A 316 -28.37 23.21 -33.56
N VAL A 317 -28.98 22.82 -32.44
CA VAL A 317 -30.26 23.38 -32.02
C VAL A 317 -30.11 23.86 -30.58
N VAL A 318 -30.84 24.94 -30.26
CA VAL A 318 -30.71 25.60 -28.96
C VAL A 318 -31.68 24.97 -27.98
N SER A 319 -31.19 24.70 -26.76
CA SER A 319 -32.00 24.22 -25.65
C SER A 319 -31.92 25.23 -24.50
N ILE A 320 -33.02 25.32 -23.76
CA ILE A 320 -33.14 26.27 -22.66
C ILE A 320 -33.25 25.50 -21.34
N TRP A 321 -32.67 26.09 -20.30
CA TRP A 321 -32.72 25.52 -18.96
C TRP A 321 -33.12 26.62 -17.99
N ALA A 322 -34.27 26.46 -17.36
CA ALA A 322 -34.81 27.46 -16.45
C ALA A 322 -34.59 26.99 -15.02
N GLN A 323 -33.66 27.65 -14.31
CA GLN A 323 -33.46 27.40 -12.89
C GLN A 323 -34.45 28.25 -12.10
N ASN A 324 -35.73 27.89 -12.23
CA ASN A 324 -36.80 28.65 -11.61
C ASN A 324 -36.75 28.49 -10.09
N GLN A 325 -36.91 29.60 -9.39
CA GLN A 325 -36.94 29.57 -7.93
C GLN A 325 -38.26 28.96 -7.45
N VAL A 326 -38.41 28.94 -6.12
CA VAL A 326 -39.49 28.16 -5.51
C VAL A 326 -40.88 28.71 -5.80
N GLU A 327 -40.99 29.93 -6.32
CA GLU A 327 -42.29 30.53 -6.55
C GLU A 327 -42.86 30.05 -7.88
N ASN A 328 -43.94 30.70 -8.34
CA ASN A 328 -44.66 30.41 -9.58
C ASN A 328 -45.49 29.14 -9.48
N TRP A 329 -45.35 28.40 -8.39
CA TRP A 329 -46.22 27.24 -8.15
C TRP A 329 -46.69 27.12 -6.70
N SER A 330 -46.10 27.84 -5.74
CA SER A 330 -46.48 27.71 -4.35
C SER A 330 -47.03 28.99 -3.74
N ALA A 331 -46.86 30.14 -4.39
CA ALA A 331 -47.37 31.40 -3.87
C ALA A 331 -48.88 31.50 -4.04
N LYS B 38 -19.93 -11.08 -42.08
CA LYS B 38 -20.22 -11.76 -40.81
C LYS B 38 -19.03 -11.70 -39.87
N PRO B 39 -18.99 -10.66 -39.03
CA PRO B 39 -17.88 -10.53 -38.08
C PRO B 39 -17.91 -11.65 -37.05
N HIS B 40 -16.72 -12.13 -36.68
CA HIS B 40 -16.58 -13.21 -35.72
C HIS B 40 -16.21 -12.65 -34.36
N ARG B 41 -16.79 -13.23 -33.30
CA ARG B 41 -16.53 -12.83 -31.93
C ARG B 41 -16.46 -14.06 -31.05
N TYR B 42 -15.37 -14.20 -30.30
CA TYR B 42 -15.26 -15.30 -29.36
C TYR B 42 -16.26 -15.12 -28.22
N ARG B 43 -16.60 -16.25 -27.60
CA ARG B 43 -17.44 -16.20 -26.41
C ARG B 43 -16.67 -15.54 -25.27
N PRO B 44 -17.37 -14.88 -24.34
CA PRO B 44 -16.67 -14.21 -23.23
C PRO B 44 -15.86 -15.19 -22.40
N GLY B 45 -14.70 -14.73 -21.94
CA GLY B 45 -13.83 -15.53 -21.12
C GLY B 45 -12.75 -16.27 -21.88
N THR B 46 -13.06 -16.67 -23.12
CA THR B 46 -12.09 -17.40 -23.93
C THR B 46 -10.85 -16.54 -24.20
N VAL B 47 -11.07 -15.32 -24.69
CA VAL B 47 -9.96 -14.39 -24.86
C VAL B 47 -9.30 -14.10 -23.52
N ALA B 48 -10.10 -14.01 -22.46
CA ALA B 48 -9.56 -13.79 -21.12
C ALA B 48 -8.67 -14.96 -20.70
N LEU B 49 -9.12 -16.20 -20.95
CA LEU B 49 -8.30 -17.36 -20.60
C LEU B 49 -7.02 -17.41 -21.42
N ARG B 50 -7.11 -17.06 -22.70
CA ARG B 50 -5.91 -17.03 -23.54
C ARG B 50 -4.91 -16.01 -23.03
N GLU B 51 -5.39 -14.82 -22.68
CA GLU B 51 -4.52 -13.81 -22.12
C GLU B 51 -3.94 -14.24 -20.77
N ILE B 52 -4.72 -14.97 -19.98
CA ILE B 52 -4.22 -15.50 -18.72
C ILE B 52 -3.06 -16.44 -18.97
N ARG B 53 -3.23 -17.36 -19.92
CA ARG B 53 -2.14 -18.28 -20.26
C ARG B 53 -0.91 -17.51 -20.73
N ARG B 54 -1.12 -16.54 -21.61
CA ARG B 54 0.01 -15.77 -22.16
C ARG B 54 0.76 -15.04 -21.05
N TYR B 55 0.03 -14.40 -20.13
CA TYR B 55 0.70 -13.60 -19.11
C TYR B 55 1.34 -14.49 -18.06
N GLN B 56 0.74 -15.64 -17.76
CA GLN B 56 1.40 -16.61 -16.89
C GLN B 56 2.68 -17.13 -17.51
N LYS B 57 2.70 -17.24 -18.84
CA LYS B 57 3.92 -17.65 -19.52
C LYS B 57 4.94 -16.53 -19.56
N SER B 58 4.49 -15.28 -19.68
CA SER B 58 5.38 -14.14 -19.84
C SER B 58 5.96 -13.71 -18.50
N THR B 59 6.86 -12.74 -18.52
CA THR B 59 7.52 -12.31 -17.29
C THR B 59 7.69 -10.81 -17.12
N GLU B 60 7.51 -10.00 -18.16
CA GLU B 60 7.78 -8.57 -18.04
C GLU B 60 6.76 -7.91 -17.12
N LEU B 61 7.03 -6.65 -16.79
CA LEU B 61 6.17 -5.90 -15.88
C LEU B 61 4.87 -5.53 -16.57
N LEU B 62 3.75 -5.72 -15.88
CA LEU B 62 2.43 -5.40 -16.43
C LEU B 62 1.97 -4.00 -16.04
N ILE B 63 2.88 -3.16 -15.56
CA ILE B 63 2.58 -1.78 -15.18
C ILE B 63 3.56 -0.86 -15.91
N ARG B 64 3.04 0.22 -16.49
CA ARG B 64 3.90 1.17 -17.18
C ARG B 64 4.89 1.80 -16.21
N LYS B 65 6.14 1.94 -16.66
CA LYS B 65 7.25 2.38 -15.82
C LYS B 65 7.05 3.79 -15.28
N LEU B 66 6.99 4.77 -16.19
CA LEU B 66 6.94 6.17 -15.78
C LEU B 66 5.74 6.53 -14.91
N PRO B 67 4.51 6.05 -15.20
CA PRO B 67 3.40 6.36 -14.28
C PRO B 67 3.65 5.84 -12.87
N PHE B 68 4.14 4.61 -12.74
CA PHE B 68 4.42 4.06 -11.42
C PHE B 68 5.52 4.86 -10.73
N GLN B 69 6.53 5.29 -11.48
CA GLN B 69 7.61 6.07 -10.88
C GLN B 69 7.11 7.41 -10.37
N ARG B 70 6.27 8.09 -11.17
CA ARG B 70 5.69 9.35 -10.72
C ARG B 70 4.80 9.13 -9.51
N LEU B 71 4.08 8.01 -9.47
CA LEU B 71 3.25 7.70 -8.32
C LEU B 71 4.09 7.50 -7.07
N VAL B 72 5.22 6.81 -7.21
CA VAL B 72 6.11 6.59 -6.06
C VAL B 72 6.65 7.92 -5.56
N ARG B 73 7.05 8.80 -6.48
CA ARG B 73 7.53 10.11 -6.05
C ARG B 73 6.44 10.90 -5.34
N GLU B 74 5.23 10.89 -5.89
CA GLU B 74 4.12 11.63 -5.29
C GLU B 74 3.79 11.10 -3.91
N ILE B 75 3.86 9.79 -3.72
CA ILE B 75 3.56 9.21 -2.41
C ILE B 75 4.68 9.49 -1.43
N ALA B 76 5.94 9.41 -1.89
CA ALA B 76 7.07 9.71 -1.02
C ALA B 76 7.09 11.17 -0.61
N GLN B 77 6.43 12.04 -1.38
CA GLN B 77 6.30 13.43 -0.98
C GLN B 77 5.72 13.57 0.43
N ASP B 78 5.01 12.55 0.90
CA ASP B 78 4.43 12.57 2.24
C ASP B 78 5.48 12.53 3.35
N PHE B 79 6.74 12.28 3.05
CA PHE B 79 7.75 12.08 4.08
C PHE B 79 8.90 13.07 3.98
N LYS B 80 9.31 13.44 2.77
CA LYS B 80 10.33 14.46 2.57
C LYS B 80 10.33 14.84 1.10
N THR B 81 10.61 16.11 0.84
CA THR B 81 10.68 16.58 -0.53
C THR B 81 12.05 16.29 -1.14
N ASP B 82 12.20 16.64 -2.41
CA ASP B 82 13.46 16.50 -3.17
C ASP B 82 14.14 15.17 -2.89
N LEU B 83 13.36 14.11 -2.73
CA LEU B 83 13.90 12.76 -2.51
C LEU B 83 14.11 12.10 -3.87
N ARG B 84 15.36 11.78 -4.18
CA ARG B 84 15.67 11.10 -5.42
C ARG B 84 15.58 9.59 -5.22
N PHE B 85 15.63 8.85 -6.33
CA PHE B 85 15.52 7.40 -6.28
C PHE B 85 16.43 6.80 -7.34
N GLN B 86 17.11 5.72 -6.97
CA GLN B 86 17.82 4.93 -7.97
C GLN B 86 16.79 4.23 -8.85
N SER B 87 16.97 4.34 -10.16
CA SER B 87 16.02 3.72 -11.09
C SER B 87 15.81 2.25 -10.76
N SER B 88 16.90 1.51 -10.57
CA SER B 88 16.81 0.08 -10.26
C SER B 88 16.03 -0.15 -8.99
N ALA B 89 16.27 0.68 -7.97
CA ALA B 89 15.49 0.59 -6.74
C ALA B 89 14.01 0.80 -7.02
N VAL B 90 13.68 1.73 -7.92
CA VAL B 90 12.28 2.03 -8.19
C VAL B 90 11.62 0.84 -8.89
N MET B 91 12.31 0.23 -9.86
CA MET B 91 11.70 -0.92 -10.52
C MET B 91 11.65 -2.14 -9.59
N ALA B 92 12.60 -2.25 -8.67
CA ALA B 92 12.56 -3.31 -7.67
C ALA B 92 11.32 -3.17 -6.79
N LEU B 93 11.09 -1.97 -6.27
CA LEU B 93 9.89 -1.70 -5.49
C LEU B 93 8.63 -2.00 -6.29
N GLN B 94 8.58 -1.49 -7.53
CA GLN B 94 7.40 -1.68 -8.36
C GLN B 94 7.14 -3.17 -8.61
N GLU B 95 8.18 -3.94 -8.86
CA GLU B 95 7.98 -5.36 -9.18
C GLU B 95 7.63 -6.16 -7.93
N ALA B 96 8.19 -5.80 -6.78
CA ALA B 96 7.79 -6.45 -5.54
C ALA B 96 6.32 -6.19 -5.25
N SER B 97 5.89 -4.94 -5.41
CA SER B 97 4.49 -4.61 -5.18
C SER B 97 3.59 -5.28 -6.22
N GLU B 98 4.09 -5.40 -7.46
CA GLU B 98 3.36 -6.11 -8.50
C GLU B 98 3.15 -7.57 -8.12
N ALA B 99 4.21 -8.21 -7.63
CA ALA B 99 4.10 -9.61 -7.22
C ALA B 99 3.15 -9.75 -6.02
N TYR B 100 3.18 -8.77 -5.11
CA TYR B 100 2.23 -8.77 -4.01
C TYR B 100 0.80 -8.65 -4.53
N LEU B 101 0.60 -7.85 -5.58
CA LEU B 101 -0.73 -7.74 -6.17
C LEU B 101 -1.16 -9.04 -6.84
N VAL B 102 -0.22 -9.70 -7.51
CA VAL B 102 -0.51 -11.01 -8.10
C VAL B 102 -0.96 -11.98 -7.00
N ALA B 103 -0.23 -12.02 -5.89
CA ALA B 103 -0.57 -12.90 -4.79
C ALA B 103 -1.96 -12.58 -4.24
N LEU B 104 -2.24 -11.29 -4.05
CA LEU B 104 -3.52 -10.87 -3.52
C LEU B 104 -4.66 -11.28 -4.43
N PHE B 105 -4.51 -11.02 -5.74
CA PHE B 105 -5.52 -11.48 -6.70
C PHE B 105 -5.67 -12.99 -6.65
N GLU B 106 -4.57 -13.71 -6.37
CA GLU B 106 -4.66 -15.16 -6.22
C GLU B 106 -5.63 -15.55 -5.11
N ASP B 107 -5.43 -15.01 -3.90
CA ASP B 107 -6.35 -15.46 -2.86
C ASP B 107 -7.76 -14.90 -3.05
N THR B 108 -7.91 -13.75 -3.71
CA THR B 108 -9.25 -13.26 -4.00
C THR B 108 -9.96 -14.21 -4.96
N ASN B 109 -9.24 -14.69 -5.97
CA ASN B 109 -9.76 -15.70 -6.88
C ASN B 109 -10.14 -16.97 -6.13
N LEU B 110 -9.32 -17.36 -5.16
CA LEU B 110 -9.59 -18.56 -4.38
C LEU B 110 -10.89 -18.41 -3.59
N CYS B 111 -11.04 -17.29 -2.87
CA CYS B 111 -12.27 -17.08 -2.12
C CYS B 111 -13.47 -16.93 -3.05
N ALA B 112 -13.26 -16.39 -4.25
CA ALA B 112 -14.36 -16.25 -5.20
C ALA B 112 -14.85 -17.61 -5.69
N ILE B 113 -13.91 -18.46 -6.10
CA ILE B 113 -14.30 -19.79 -6.56
C ILE B 113 -14.86 -20.61 -5.40
N HIS B 114 -14.44 -20.29 -4.17
CA HIS B 114 -15.07 -20.89 -3.00
C HIS B 114 -16.50 -20.41 -2.81
N ALA B 115 -16.79 -19.15 -3.15
CA ALA B 115 -18.13 -18.60 -3.04
C ALA B 115 -19.02 -18.99 -4.22
N LYS B 116 -18.62 -20.01 -4.99
CA LYS B 116 -19.35 -20.47 -6.17
C LYS B 116 -19.51 -19.38 -7.22
N ARG B 117 -18.58 -18.42 -7.25
CA ARG B 117 -18.59 -17.34 -8.22
C ARG B 117 -17.29 -17.34 -9.01
N VAL B 118 -17.33 -16.69 -10.18
CA VAL B 118 -16.15 -16.53 -11.02
C VAL B 118 -15.78 -15.08 -11.24
N THR B 119 -16.51 -14.14 -10.64
CA THR B 119 -16.24 -12.71 -10.76
C THR B 119 -15.81 -12.19 -9.40
N ILE B 120 -14.57 -11.70 -9.30
CA ILE B 120 -14.11 -11.13 -8.04
C ILE B 120 -14.89 -9.85 -7.74
N MET B 121 -15.08 -9.59 -6.45
CA MET B 121 -15.83 -8.44 -5.98
C MET B 121 -15.07 -7.78 -4.84
N PRO B 122 -15.28 -6.47 -4.62
CA PRO B 122 -14.51 -5.78 -3.57
C PRO B 122 -14.63 -6.41 -2.20
N LYS B 123 -15.79 -6.99 -1.89
CA LYS B 123 -15.92 -7.72 -0.63
C LYS B 123 -14.93 -8.87 -0.56
N ASP B 124 -14.66 -9.51 -1.70
CA ASP B 124 -13.72 -10.62 -1.70
C ASP B 124 -12.29 -10.14 -1.45
N ILE B 125 -11.92 -8.99 -2.04
CA ILE B 125 -10.60 -8.43 -1.77
C ILE B 125 -10.47 -8.04 -0.30
N GLN B 126 -11.53 -7.44 0.26
CA GLN B 126 -11.51 -7.06 1.66
C GLN B 126 -11.38 -8.29 2.55
N LEU B 127 -12.08 -9.38 2.19
CA LEU B 127 -11.96 -10.62 2.95
C LEU B 127 -10.55 -11.18 2.88
N ALA B 128 -9.95 -11.16 1.69
CA ALA B 128 -8.59 -11.68 1.54
C ALA B 128 -7.61 -10.88 2.39
N ARG B 129 -7.73 -9.55 2.34
CA ARG B 129 -6.84 -8.72 3.15
C ARG B 129 -7.10 -8.90 4.64
N ARG B 130 -8.34 -9.19 5.01
CA ARG B 130 -8.67 -9.46 6.40
C ARG B 130 -8.02 -10.75 6.89
N ILE B 131 -8.09 -11.79 6.06
CA ILE B 131 -7.49 -13.08 6.44
C ILE B 131 -5.98 -12.96 6.49
N ARG B 132 -5.39 -12.23 5.55
CA ARG B 132 -3.95 -12.02 5.57
C ARG B 132 -3.49 -11.17 6.74
N GLY B 133 -4.41 -10.47 7.40
CA GLY B 133 -4.05 -9.61 8.51
C GLY B 133 -3.51 -8.27 8.06
N GLU B 134 -4.23 -7.61 7.16
CA GLU B 134 -3.85 -6.31 6.63
C GLU B 134 -4.80 -5.20 7.08
N ARG B 135 -5.53 -5.42 8.16
CA ARG B 135 -6.47 -4.41 8.66
C ARG B 135 -6.71 -4.59 10.16
N LYS C 21 8.51 21.86 -10.25
CA LYS C 21 8.77 20.42 -10.37
C LYS C 21 8.23 19.68 -9.15
N VAL C 22 6.92 19.77 -8.94
CA VAL C 22 6.25 19.12 -7.83
C VAL C 22 5.16 18.22 -8.40
N LEU C 23 5.05 17.01 -7.88
CA LEU C 23 4.10 16.02 -8.34
C LEU C 23 2.92 15.92 -7.38
N ARG C 24 1.78 15.51 -7.92
CA ARG C 24 0.55 15.37 -7.14
C ARG C 24 -0.50 14.66 -7.99
N ASP C 25 -1.47 14.06 -7.31
CA ASP C 25 -2.68 13.51 -7.90
C ASP C 25 -2.41 12.47 -8.99
N ASN C 26 -1.23 11.87 -9.00
CA ASN C 26 -0.87 10.86 -10.00
C ASN C 26 -1.21 9.44 -9.54
N ILE C 27 -2.20 9.30 -8.65
CA ILE C 27 -2.64 7.97 -8.26
C ILE C 27 -3.25 7.24 -9.45
N GLN C 28 -3.82 7.99 -10.40
CA GLN C 28 -4.32 7.37 -11.62
C GLN C 28 -3.20 6.94 -12.56
N GLY C 29 -1.93 7.06 -12.14
CA GLY C 29 -0.85 6.48 -12.91
C GLY C 29 -1.06 4.99 -13.14
N ILE C 30 -1.68 4.31 -12.18
CA ILE C 30 -2.15 2.96 -12.38
C ILE C 30 -3.48 3.06 -13.12
N THR C 31 -3.62 2.30 -14.20
CA THR C 31 -4.79 2.40 -15.05
C THR C 31 -5.62 1.13 -14.96
N LYS C 32 -6.90 1.25 -15.34
CA LYS C 32 -7.80 0.10 -15.40
C LYS C 32 -7.27 -1.05 -16.24
N PRO C 33 -6.78 -0.86 -17.46
CA PRO C 33 -6.22 -2.00 -18.20
C PRO C 33 -4.97 -2.57 -17.57
N ALA C 34 -4.18 -1.74 -16.89
CA ALA C 34 -3.01 -2.24 -16.19
C ALA C 34 -3.42 -3.18 -15.05
N ILE C 35 -4.39 -2.74 -14.23
CA ILE C 35 -4.89 -3.59 -13.16
C ILE C 35 -5.52 -4.85 -13.74
N ARG C 36 -6.17 -4.73 -14.89
CA ARG C 36 -6.79 -5.89 -15.50
C ARG C 36 -5.76 -6.90 -15.98
N ARG C 37 -4.69 -6.44 -16.61
CA ARG C 37 -3.60 -7.33 -17.00
C ARG C 37 -2.96 -7.97 -15.78
N LEU C 38 -2.83 -7.20 -14.70
CA LEU C 38 -2.26 -7.73 -13.47
C LEU C 38 -3.14 -8.85 -12.90
N ALA C 39 -4.46 -8.64 -12.92
CA ALA C 39 -5.38 -9.66 -12.45
C ALA C 39 -5.36 -10.88 -13.37
N ARG C 40 -5.21 -10.66 -14.68
CA ARG C 40 -5.05 -11.77 -15.61
C ARG C 40 -3.84 -12.61 -15.25
N ARG C 41 -2.72 -11.94 -14.94
CA ARG C 41 -1.56 -12.65 -14.40
C ARG C 41 -1.94 -13.41 -13.14
N GLY C 42 -2.77 -12.81 -12.30
CA GLY C 42 -3.32 -13.52 -11.15
C GLY C 42 -4.39 -14.53 -11.48
N GLY C 43 -4.64 -14.79 -12.77
CA GLY C 43 -5.59 -15.80 -13.16
C GLY C 43 -7.05 -15.40 -13.05
N VAL C 44 -7.34 -14.12 -12.85
CA VAL C 44 -8.72 -13.68 -12.69
C VAL C 44 -9.39 -13.64 -14.06
N LYS C 45 -10.62 -14.16 -14.13
CA LYS C 45 -11.37 -14.20 -15.39
C LYS C 45 -12.24 -12.96 -15.56
N ARG C 46 -13.11 -12.69 -14.59
CA ARG C 46 -14.04 -11.58 -14.66
C ARG C 46 -13.84 -10.66 -13.47
N ILE C 47 -13.91 -9.36 -13.72
CA ILE C 47 -13.66 -8.35 -12.70
C ILE C 47 -14.77 -7.31 -12.74
N SER C 48 -15.20 -6.87 -11.56
CA SER C 48 -16.16 -5.77 -11.47
C SER C 48 -15.44 -4.44 -11.47
N GLY C 49 -16.11 -3.40 -11.96
CA GLY C 49 -15.49 -2.09 -12.03
C GLY C 49 -15.10 -1.55 -10.67
N LEU C 50 -15.97 -1.74 -9.67
CA LEU C 50 -15.72 -1.23 -8.32
C LEU C 50 -14.42 -1.77 -7.74
N ILE C 51 -13.81 -2.77 -8.37
CA ILE C 51 -12.52 -3.28 -7.92
C ILE C 51 -11.42 -2.25 -8.18
N TYR C 52 -11.39 -1.69 -9.39
CA TYR C 52 -10.20 -1.03 -9.91
C TYR C 52 -9.65 0.03 -8.96
N GLU C 53 -10.39 1.13 -8.80
CA GLU C 53 -9.95 2.17 -7.89
C GLU C 53 -9.78 1.64 -6.47
N GLU C 54 -10.65 0.72 -6.06
CA GLU C 54 -10.46 0.02 -4.79
C GLU C 54 -9.05 -0.52 -4.70
N THR C 55 -8.66 -1.34 -5.68
CA THR C 55 -7.30 -1.89 -5.72
C THR C 55 -6.28 -0.79 -5.55
N ARG C 56 -6.49 0.34 -6.25
CA ARG C 56 -5.58 1.47 -6.14
C ARG C 56 -5.29 1.80 -4.69
N GLY C 57 -6.34 2.03 -3.91
CA GLY C 57 -6.20 2.31 -2.49
C GLY C 57 -5.30 1.29 -1.83
N VAL C 58 -5.64 0.01 -2.00
CA VAL C 58 -4.82 -1.06 -1.42
C VAL C 58 -3.36 -0.84 -1.77
N LEU C 59 -3.08 -0.72 -3.07
CA LEU C 59 -1.71 -0.48 -3.53
C LEU C 59 -1.09 0.69 -2.79
N LYS C 60 -1.78 1.84 -2.82
CA LYS C 60 -1.30 3.02 -2.11
C LYS C 60 -1.02 2.68 -0.65
N VAL C 61 -2.00 2.05 0.01
CA VAL C 61 -1.82 1.66 1.41
C VAL C 61 -0.51 0.92 1.58
N PHE C 62 -0.29 -0.09 0.73
CA PHE C 62 0.92 -0.89 0.81
C PHE C 62 2.16 0.00 0.83
N LEU C 63 2.23 0.94 -0.12
CA LEU C 63 3.39 1.80 -0.20
C LEU C 63 3.59 2.57 1.10
N GLU C 64 2.50 3.15 1.64
CA GLU C 64 2.61 3.92 2.89
C GLU C 64 3.29 3.15 4.01
N ASN C 65 3.35 1.82 3.91
CA ASN C 65 4.20 1.10 4.83
C ASN C 65 5.65 1.14 4.36
N VAL C 66 5.94 0.46 3.23
CA VAL C 66 7.32 0.23 2.86
C VAL C 66 8.01 1.54 2.55
N ILE C 67 7.37 2.37 1.73
CA ILE C 67 7.89 3.69 1.37
C ILE C 67 8.35 4.36 2.65
N ARG C 68 7.46 4.43 3.65
CA ARG C 68 7.81 5.08 4.90
C ARG C 68 9.13 4.53 5.42
N ASP C 69 9.15 3.23 5.70
CA ASP C 69 10.35 2.59 6.22
C ASP C 69 11.55 2.90 5.33
N ALA C 70 11.35 2.86 4.01
CA ALA C 70 12.41 3.21 3.08
C ALA C 70 13.08 4.52 3.47
N VAL C 71 12.31 5.61 3.46
CA VAL C 71 12.92 6.91 3.77
C VAL C 71 13.51 6.89 5.17
N THR C 72 12.86 6.16 6.09
CA THR C 72 13.37 6.08 7.46
C THR C 72 14.81 5.60 7.45
N TYR C 73 15.09 4.54 6.68
CA TYR C 73 16.46 4.05 6.58
C TYR C 73 17.38 5.15 6.05
N THR C 74 16.96 5.80 4.96
CA THR C 74 17.72 6.93 4.45
C THR C 74 17.78 8.04 5.48
N GLU C 75 16.70 8.21 6.25
CA GLU C 75 16.70 9.18 7.34
C GLU C 75 17.83 8.90 8.31
N HIS C 76 18.06 7.61 8.61
CA HIS C 76 19.19 7.27 9.47
C HIS C 76 20.51 7.38 8.72
N ALA C 77 20.50 7.14 7.41
CA ALA C 77 21.73 7.22 6.63
C ALA C 77 22.18 8.65 6.39
N LYS C 78 21.41 9.64 6.82
CA LYS C 78 21.71 11.07 6.63
C LYS C 78 21.90 11.42 5.16
N ARG C 79 21.37 10.59 4.27
CA ARG C 79 21.44 10.83 2.83
C ARG C 79 20.17 11.55 2.38
N LYS C 80 19.98 11.67 1.06
CA LYS C 80 18.85 12.40 0.52
C LYS C 80 18.11 11.62 -0.57
N THR C 81 18.62 10.47 -0.98
CA THR C 81 17.96 9.62 -1.96
C THR C 81 17.78 8.23 -1.36
N VAL C 82 17.16 7.34 -2.12
CA VAL C 82 16.86 5.98 -1.68
C VAL C 82 17.64 5.01 -2.54
N THR C 83 18.28 4.02 -1.90
CA THR C 83 18.99 2.96 -2.59
C THR C 83 18.14 1.71 -2.63
N ALA C 84 18.51 0.79 -3.53
CA ALA C 84 17.83 -0.49 -3.61
C ALA C 84 17.86 -1.22 -2.26
N MET C 85 19.02 -1.20 -1.60
CA MET C 85 19.15 -1.85 -0.31
C MET C 85 18.10 -1.35 0.68
N ASP C 86 17.75 -0.06 0.60
CA ASP C 86 16.78 0.51 1.52
C ASP C 86 15.42 -0.17 1.37
N VAL C 87 14.89 -0.23 0.14
CA VAL C 87 13.59 -0.84 -0.07
C VAL C 87 13.65 -2.34 0.19
N VAL C 88 14.79 -2.98 -0.08
CA VAL C 88 14.92 -4.39 0.25
C VAL C 88 14.79 -4.60 1.75
N TYR C 89 15.48 -3.77 2.55
CA TYR C 89 15.36 -3.91 4.00
C TYR C 89 13.95 -3.61 4.47
N ALA C 90 13.31 -2.61 3.87
CA ALA C 90 11.94 -2.27 4.25
C ALA C 90 11.01 -3.45 4.01
N LEU C 91 11.10 -4.07 2.83
CA LEU C 91 10.29 -5.25 2.55
C LEU C 91 10.66 -6.41 3.46
N LYS C 92 11.93 -6.51 3.85
CA LYS C 92 12.37 -7.60 4.71
C LYS C 92 11.74 -7.50 6.08
N ARG C 93 11.81 -6.30 6.70
CA ARG C 93 11.23 -6.13 8.02
C ARG C 93 9.72 -6.27 8.02
N GLN C 94 9.09 -6.28 6.84
CA GLN C 94 7.66 -6.48 6.71
C GLN C 94 7.30 -7.91 6.33
N GLY C 95 8.24 -8.84 6.44
CA GLY C 95 7.97 -10.22 6.10
C GLY C 95 7.74 -10.46 4.62
N ARG C 96 8.16 -9.53 3.77
CA ARG C 96 8.00 -9.64 2.32
C ARG C 96 9.33 -9.44 1.63
N THR C 97 10.36 -10.13 2.12
CA THR C 97 11.71 -9.98 1.58
C THR C 97 11.73 -10.24 0.08
N LEU C 98 12.67 -9.59 -0.60
CA LEU C 98 12.80 -9.66 -2.05
C LEU C 98 14.25 -9.91 -2.42
N TYR C 99 14.46 -10.76 -3.42
CA TYR C 99 15.79 -11.11 -3.88
C TYR C 99 16.13 -10.31 -5.14
N GLY C 100 17.36 -10.48 -5.61
CA GLY C 100 17.81 -9.88 -6.85
C GLY C 100 18.54 -8.56 -6.72
N PHE C 101 18.64 -8.00 -5.52
CA PHE C 101 19.29 -6.72 -5.35
C PHE C 101 20.17 -6.62 -4.11
N GLY C 102 20.35 -7.71 -3.37
CA GLY C 102 21.18 -7.69 -2.18
C GLY C 102 20.42 -8.02 -0.92
N ALA D 12 32.85 10.99 44.59
CA ALA D 12 32.27 9.69 44.93
C ALA D 12 30.84 9.84 45.42
N LYS D 13 30.04 10.61 44.67
CA LYS D 13 28.63 10.84 44.99
C LYS D 13 27.79 9.82 44.23
N ALA D 14 27.19 8.88 44.97
CA ALA D 14 26.42 7.82 44.34
C ALA D 14 25.09 8.35 43.80
N LYS D 15 24.77 7.95 42.57
CA LYS D 15 23.50 8.31 41.94
C LYS D 15 23.24 7.41 40.74
N THR D 16 22.09 6.75 40.72
CA THR D 16 21.79 5.81 39.65
C THR D 16 21.44 6.56 38.37
N ARG D 17 21.78 5.95 37.24
CA ARG D 17 21.54 6.60 35.95
C ARG D 17 20.05 6.75 35.66
N SER D 18 19.23 5.85 36.21
CA SER D 18 17.79 5.98 36.03
C SER D 18 17.26 7.27 36.62
N SER D 19 17.80 7.68 37.77
CA SER D 19 17.40 8.96 38.36
C SER D 19 17.89 10.12 37.50
N ARG D 20 19.09 10.00 36.93
CA ARG D 20 19.60 11.05 36.05
C ARG D 20 18.68 11.25 34.85
N ALA D 21 18.13 10.16 34.31
CA ALA D 21 17.12 10.27 33.27
C ALA D 21 15.72 10.47 33.81
N GLY D 22 15.54 10.36 35.13
CA GLY D 22 14.22 10.52 35.73
C GLY D 22 13.22 9.48 35.27
N LEU D 23 13.65 8.23 35.17
CA LEU D 23 12.81 7.14 34.69
C LEU D 23 12.71 6.06 35.77
N GLN D 24 11.84 5.08 35.51
CA GLN D 24 11.62 3.97 36.42
C GLN D 24 12.17 2.65 35.90
N PHE D 25 12.89 2.68 34.80
CA PHE D 25 13.48 1.46 34.25
C PHE D 25 14.98 1.46 34.44
N PRO D 26 15.59 0.30 34.71
CA PRO D 26 17.02 0.27 35.00
C PRO D 26 17.88 0.52 33.76
N VAL D 27 18.48 1.71 33.69
CA VAL D 27 19.33 2.04 32.56
C VAL D 27 20.61 1.21 32.60
N GLY D 28 21.16 1.00 33.80
CA GLY D 28 22.35 0.18 33.91
C GLY D 28 22.11 -1.26 33.47
N ARG D 29 20.95 -1.81 33.83
CA ARG D 29 20.65 -3.19 33.46
C ARG D 29 20.49 -3.34 31.95
N VAL D 30 19.73 -2.44 31.33
CA VAL D 30 19.54 -2.54 29.89
C VAL D 30 20.85 -2.25 29.16
N HIS D 31 21.71 -1.41 29.73
CA HIS D 31 23.01 -1.16 29.11
C HIS D 31 23.88 -2.39 29.17
N ARG D 32 23.94 -3.05 30.33
CA ARG D 32 24.68 -4.30 30.45
C ARG D 32 24.13 -5.35 29.51
N LEU D 33 22.81 -5.38 29.33
CA LEU D 33 22.22 -6.39 28.46
C LEU D 33 22.54 -6.11 27.00
N LEU D 34 22.51 -4.85 26.59
CA LEU D 34 22.91 -4.51 25.23
C LEU D 34 24.39 -4.80 25.00
N ARG D 35 25.20 -4.65 26.05
CA ARG D 35 26.62 -4.98 25.93
C ARG D 35 26.81 -6.48 25.74
N LYS D 36 26.29 -7.27 26.66
CA LYS D 36 26.48 -8.73 26.66
C LYS D 36 25.40 -9.47 25.87
N GLY D 37 24.72 -8.79 24.96
CA GLY D 37 23.70 -9.44 24.16
C GLY D 37 24.10 -9.62 22.71
N ASN D 38 25.30 -9.16 22.35
CA ASN D 38 25.86 -9.33 21.02
C ASN D 38 24.95 -8.72 19.95
N TYR D 39 24.76 -7.40 20.05
CA TYR D 39 24.06 -6.64 19.02
C TYR D 39 24.96 -5.68 18.26
N ALA D 40 26.09 -5.28 18.84
CA ALA D 40 27.02 -4.39 18.17
C ALA D 40 28.36 -4.48 18.89
N GLU D 41 29.42 -4.06 18.19
CA GLU D 41 30.74 -4.06 18.81
C GLU D 41 30.80 -3.06 19.96
N ARG D 42 30.13 -1.92 19.80
CA ARG D 42 30.12 -0.88 20.82
C ARG D 42 28.70 -0.36 21.01
N VAL D 43 28.42 0.11 22.22
CA VAL D 43 27.11 0.64 22.58
C VAL D 43 27.28 2.10 23.01
N GLY D 44 26.43 2.97 22.47
CA GLY D 44 26.50 4.37 22.84
C GLY D 44 26.09 4.59 24.29
N ALA D 45 26.34 5.80 24.78
CA ALA D 45 26.01 6.12 26.16
C ALA D 45 24.53 6.43 26.32
N GLY D 46 23.99 7.26 25.43
CA GLY D 46 22.58 7.63 25.52
C GLY D 46 21.61 6.63 24.93
N ALA D 47 22.11 5.63 24.21
CA ALA D 47 21.22 4.62 23.64
C ALA D 47 20.48 3.81 24.69
N PRO D 48 21.13 3.32 25.76
CA PRO D 48 20.35 2.64 26.81
C PRO D 48 19.35 3.55 27.48
N VAL D 49 19.70 4.83 27.69
CA VAL D 49 18.75 5.77 28.28
C VAL D 49 17.51 5.89 27.39
N TYR D 50 17.73 6.09 26.08
CA TYR D 50 16.62 6.23 25.16
C TYR D 50 15.78 4.96 25.10
N LEU D 51 16.44 3.80 25.12
CA LEU D 51 15.71 2.54 25.03
C LEU D 51 14.88 2.29 26.28
N ALA D 52 15.45 2.57 27.46
CA ALA D 52 14.68 2.48 28.68
C ALA D 52 13.51 3.46 28.68
N ALA D 53 13.72 4.64 28.10
CA ALA D 53 12.64 5.62 28.03
C ALA D 53 11.49 5.12 27.18
N VAL D 54 11.79 4.59 25.99
CA VAL D 54 10.71 4.13 25.12
C VAL D 54 10.03 2.90 25.71
N LEU D 55 10.80 2.04 26.38
CA LEU D 55 10.19 0.89 27.07
C LEU D 55 9.26 1.36 28.17
N GLU D 56 9.68 2.35 28.96
CA GLU D 56 8.83 2.88 30.01
C GLU D 56 7.56 3.48 29.43
N TYR D 57 7.68 4.22 28.32
CA TYR D 57 6.51 4.80 27.70
C TYR D 57 5.53 3.71 27.23
N LEU D 58 6.05 2.66 26.60
CA LEU D 58 5.19 1.59 26.13
C LEU D 58 4.50 0.89 27.28
N THR D 59 5.25 0.62 28.36
CA THR D 59 4.64 -0.02 29.52
C THR D 59 3.56 0.86 30.14
N ALA D 60 3.81 2.17 30.23
CA ALA D 60 2.80 3.07 30.74
C ALA D 60 1.55 3.06 29.85
N GLU D 61 1.76 3.08 28.54
CA GLU D 61 0.63 3.10 27.60
C GLU D 61 -0.23 1.84 27.75
N ILE D 62 0.41 0.67 27.84
CA ILE D 62 -0.38 -0.56 27.94
C ILE D 62 -1.02 -0.68 29.31
N LEU D 63 -0.29 -0.31 30.37
CA LEU D 63 -0.83 -0.45 31.72
C LEU D 63 -1.95 0.53 31.98
N GLU D 64 -1.97 1.68 31.30
CA GLU D 64 -3.08 2.60 31.43
C GLU D 64 -4.39 1.94 31.04
N LEU D 65 -4.44 1.38 29.83
CA LEU D 65 -5.64 0.69 29.39
C LEU D 65 -5.90 -0.57 30.22
N ALA D 66 -4.85 -1.25 30.67
CA ALA D 66 -5.03 -2.41 31.53
C ALA D 66 -5.77 -2.05 32.81
N GLY D 67 -5.27 -1.04 33.52
CA GLY D 67 -5.96 -0.59 34.73
C GLY D 67 -7.33 -0.01 34.45
N ASN D 68 -7.50 0.62 33.29
CA ASN D 68 -8.82 1.11 32.92
C ASN D 68 -9.83 -0.03 32.82
N ALA D 69 -9.47 -1.08 32.09
CA ALA D 69 -10.35 -2.24 31.97
C ALA D 69 -10.56 -2.92 33.33
N ALA D 70 -9.51 -2.96 34.15
CA ALA D 70 -9.62 -3.59 35.47
C ALA D 70 -10.63 -2.84 36.34
N ARG D 71 -10.52 -1.52 36.38
CA ARG D 71 -11.48 -0.72 37.13
C ARG D 71 -12.88 -0.84 36.53
N ASP D 72 -12.96 -0.94 35.20
CA ASP D 72 -14.26 -1.13 34.55
C ASP D 72 -14.90 -2.42 35.02
N ASN D 73 -14.11 -3.48 35.20
CA ASN D 73 -14.61 -4.75 35.71
C ASN D 73 -14.55 -4.82 37.24
N LYS D 74 -14.37 -3.67 37.90
CA LYS D 74 -14.33 -3.57 39.36
C LYS D 74 -13.27 -4.47 39.98
N LYS D 75 -12.25 -4.83 39.22
CA LYS D 75 -11.15 -5.65 39.72
C LYS D 75 -9.94 -4.77 40.01
N THR D 76 -9.40 -4.87 41.21
CA THR D 76 -8.24 -4.05 41.59
C THR D 76 -6.97 -4.55 40.91
N ARG D 77 -6.63 -5.81 41.08
CA ARG D 77 -5.43 -6.37 40.49
C ARG D 77 -5.71 -6.78 39.05
N ILE D 78 -4.88 -6.30 38.13
CA ILE D 78 -5.11 -6.53 36.72
C ILE D 78 -4.85 -7.99 36.38
N ILE D 79 -5.76 -8.59 35.61
CA ILE D 79 -5.64 -10.00 35.25
C ILE D 79 -5.30 -10.11 33.77
N PRO D 80 -4.82 -11.26 33.30
CA PRO D 80 -4.47 -11.38 31.86
C PRO D 80 -5.61 -10.99 30.93
N ARG D 81 -6.86 -11.29 31.29
CA ARG D 81 -7.98 -10.91 30.44
C ARG D 81 -8.01 -9.41 30.21
N HIS D 82 -7.69 -8.63 31.23
CA HIS D 82 -7.65 -7.18 31.06
C HIS D 82 -6.53 -6.77 30.13
N LEU D 83 -5.38 -7.46 30.20
CA LEU D 83 -4.31 -7.19 29.25
C LEU D 83 -4.77 -7.46 27.83
N GLN D 84 -5.49 -8.55 27.61
CA GLN D 84 -5.98 -8.88 26.28
C GLN D 84 -6.95 -7.83 25.78
N LEU D 85 -7.91 -7.43 26.63
CA LEU D 85 -8.86 -6.39 26.25
C LEU D 85 -8.13 -5.09 25.91
N ALA D 86 -7.11 -4.74 26.70
CA ALA D 86 -6.37 -3.52 26.46
C ALA D 86 -5.65 -3.56 25.11
N VAL D 87 -4.92 -4.65 24.86
CA VAL D 87 -4.14 -4.71 23.63
C VAL D 87 -5.02 -4.90 22.40
N ARG D 88 -6.26 -5.37 22.58
CA ARG D 88 -7.14 -5.55 21.43
C ARG D 88 -7.97 -4.31 21.13
N ASN D 89 -8.41 -3.59 22.16
CA ASN D 89 -9.22 -2.40 21.93
C ASN D 89 -8.42 -1.31 21.24
N ASP D 90 -7.15 -1.14 21.64
CA ASP D 90 -6.30 -0.15 21.00
C ASP D 90 -5.98 -0.58 19.57
N GLU D 91 -5.81 0.40 18.70
CA GLU D 91 -5.49 0.12 17.30
C GLU D 91 -3.99 -0.04 17.10
N GLU D 92 -3.22 0.98 17.48
CA GLU D 92 -1.77 0.93 17.26
C GLU D 92 -1.12 -0.17 18.11
N LEU D 93 -1.60 -0.36 19.33
CA LEU D 93 -1.05 -1.42 20.18
C LEU D 93 -1.33 -2.79 19.57
N ASN D 94 -2.55 -3.00 19.07
CA ASN D 94 -2.87 -4.26 18.41
C ASN D 94 -2.01 -4.45 17.17
N LYS D 95 -1.77 -3.37 16.42
CA LYS D 95 -0.87 -3.46 15.27
C LYS D 95 0.54 -3.83 15.70
N LEU D 96 0.95 -3.41 16.90
CA LEU D 96 2.26 -3.80 17.41
C LEU D 96 2.30 -5.30 17.73
N LEU D 97 1.24 -5.81 18.34
CA LEU D 97 1.15 -7.22 18.71
C LEU D 97 0.20 -7.99 17.79
N GLY D 98 0.23 -7.70 16.49
CA GLY D 98 -0.71 -8.32 15.57
C GLY D 98 -0.61 -9.84 15.52
N ARG D 99 0.58 -10.39 15.71
CA ARG D 99 0.81 -11.82 15.66
C ARG D 99 1.32 -12.34 17.00
N VAL D 100 0.76 -11.83 18.08
CA VAL D 100 1.14 -12.23 19.44
C VAL D 100 -0.10 -12.68 20.19
N THR D 101 0.03 -13.77 20.92
CA THR D 101 -1.02 -14.26 21.82
C THR D 101 -0.58 -14.11 23.27
N ILE D 102 -1.56 -14.09 24.17
CA ILE D 102 -1.32 -13.81 25.57
C ILE D 102 -1.84 -14.98 26.39
N ALA D 103 -1.08 -15.35 27.43
CA ALA D 103 -1.55 -16.38 28.36
C ALA D 103 -2.83 -15.94 29.04
N GLN D 104 -3.80 -16.85 29.12
CA GLN D 104 -5.12 -16.55 29.67
C GLN D 104 -5.75 -15.33 29.03
N GLY D 105 -5.40 -15.08 27.76
CA GLY D 105 -5.88 -13.88 27.10
C GLY D 105 -7.31 -14.00 26.64
N GLY D 106 -7.62 -15.07 25.91
CA GLY D 106 -8.93 -15.17 25.33
C GLY D 106 -9.09 -14.17 24.19
N VAL D 107 -10.34 -14.01 23.76
CA VAL D 107 -10.68 -13.10 22.69
C VAL D 107 -11.74 -12.12 23.20
N LEU D 108 -11.63 -10.87 22.75
CA LEU D 108 -12.59 -9.86 23.11
C LEU D 108 -13.99 -10.26 22.62
N PRO D 109 -15.03 -9.84 23.31
CA PRO D 109 -16.40 -10.15 22.86
C PRO D 109 -16.64 -9.59 21.47
N ASN D 110 -16.86 -10.49 20.51
CA ASN D 110 -17.03 -10.09 19.12
C ASN D 110 -17.99 -11.07 18.46
N ILE D 111 -19.20 -10.60 18.15
CA ILE D 111 -20.21 -11.39 17.45
C ILE D 111 -20.46 -10.73 16.10
N GLN D 112 -20.39 -11.52 15.04
CA GLN D 112 -20.58 -10.96 13.70
C GLN D 112 -22.03 -10.55 13.50
N SER D 113 -22.25 -9.73 12.46
CA SER D 113 -23.55 -9.10 12.26
C SER D 113 -24.63 -10.13 11.95
N VAL D 114 -24.44 -10.89 10.87
CA VAL D 114 -25.47 -11.85 10.42
C VAL D 114 -25.74 -12.90 11.48
N LEU D 115 -24.77 -13.18 12.36
CA LEU D 115 -24.95 -14.20 13.39
C LEU D 115 -26.07 -13.85 14.36
N LEU D 116 -26.49 -12.59 14.42
CA LEU D 116 -27.58 -12.20 15.30
C LEU D 116 -28.89 -12.84 14.85
N PRO D 117 -29.79 -13.13 15.78
CA PRO D 117 -31.05 -13.77 15.40
C PRO D 117 -32.04 -12.79 14.77
N LYS D 118 -32.82 -13.31 13.84
CA LYS D 118 -33.83 -12.52 13.14
C LYS D 118 -34.90 -13.41 12.53
N THR E 30 20.31 -18.80 42.92
CA THR E 30 20.18 -18.30 41.56
C THR E 30 19.20 -17.13 41.50
N ARG E 31 19.73 -15.95 41.17
CA ARG E 31 18.92 -14.73 41.10
C ARG E 31 18.51 -14.45 39.66
N LYS E 32 17.51 -15.20 39.20
CA LYS E 32 16.94 -15.00 37.88
C LYS E 32 16.23 -13.65 37.87
N GLU E 33 16.84 -12.66 37.23
CA GLU E 33 16.32 -11.30 37.26
C GLU E 33 15.06 -11.19 36.40
N SER E 34 14.41 -10.03 36.51
CA SER E 34 13.22 -9.73 35.72
C SER E 34 13.04 -8.21 35.71
N TYR E 35 11.88 -7.76 35.26
CA TYR E 35 11.52 -6.34 35.27
C TYR E 35 10.34 -6.07 36.19
N ALA E 36 10.05 -6.97 37.13
CA ALA E 36 8.80 -6.93 37.89
C ALA E 36 8.68 -5.65 38.70
N ILE E 37 9.73 -5.28 39.42
CA ILE E 37 9.65 -4.13 40.32
C ILE E 37 9.41 -2.84 39.53
N TYR E 38 9.99 -2.75 38.34
CA TYR E 38 9.83 -1.53 37.54
C TYR E 38 8.43 -1.43 36.97
N VAL E 39 7.86 -2.55 36.52
CA VAL E 39 6.47 -2.56 36.07
C VAL E 39 5.55 -2.19 37.23
N TYR E 40 5.82 -2.73 38.41
CA TYR E 40 5.04 -2.38 39.59
C TYR E 40 5.12 -0.89 39.88
N LYS E 41 6.32 -0.31 39.77
CA LYS E 41 6.50 1.11 40.05
C LYS E 41 5.75 1.97 39.05
N VAL E 42 5.88 1.65 37.76
CA VAL E 42 5.20 2.46 36.75
C VAL E 42 3.68 2.30 36.86
N LEU E 43 3.22 1.11 37.28
CA LEU E 43 1.80 0.92 37.51
C LEU E 43 1.31 1.78 38.66
N LYS E 44 2.05 1.77 39.77
CA LYS E 44 1.67 2.61 40.92
C LYS E 44 1.69 4.08 40.55
N GLN E 45 2.64 4.49 39.71
CA GLN E 45 2.70 5.88 39.26
C GLN E 45 1.59 6.21 38.27
N VAL E 46 1.04 5.21 37.59
CA VAL E 46 -0.08 5.42 36.68
C VAL E 46 -1.41 5.22 37.39
N HIS E 47 -1.54 4.15 38.16
CA HIS E 47 -2.76 3.87 38.91
C HIS E 47 -2.39 3.30 40.26
N PRO E 48 -2.29 4.15 41.28
CA PRO E 48 -1.82 3.67 42.60
C PRO E 48 -2.76 2.66 43.25
N ASP E 49 -4.07 2.86 43.11
CA ASP E 49 -5.03 2.00 43.81
C ASP E 49 -4.96 0.57 43.30
N THR E 50 -4.83 0.39 41.98
CA THR E 50 -4.88 -0.94 41.40
C THR E 50 -3.61 -1.72 41.69
N GLY E 51 -3.71 -3.04 41.58
CA GLY E 51 -2.57 -3.92 41.72
C GLY E 51 -2.35 -4.75 40.48
N ILE E 52 -1.62 -5.86 40.61
CA ILE E 52 -1.38 -6.75 39.49
C ILE E 52 -1.05 -8.14 40.01
N SER E 53 -1.56 -9.17 39.33
CA SER E 53 -1.30 -10.54 39.74
C SER E 53 0.09 -10.96 39.27
N SER E 54 0.49 -12.18 39.65
CA SER E 54 1.80 -12.69 39.27
C SER E 54 1.83 -13.07 37.79
N LYS E 55 0.76 -13.73 37.32
CA LYS E 55 0.70 -14.11 35.91
C LYS E 55 0.73 -12.89 35.00
N ALA E 56 -0.04 -11.86 35.35
CA ALA E 56 -0.03 -10.64 34.54
C ALA E 56 1.33 -9.97 34.57
N MET E 57 2.00 -10.00 35.72
CA MET E 57 3.35 -9.46 35.80
C MET E 57 4.31 -10.24 34.90
N SER E 58 4.14 -11.57 34.83
CA SER E 58 4.96 -12.37 33.94
C SER E 58 4.68 -12.03 32.48
N ILE E 59 3.41 -11.80 32.14
CA ILE E 59 3.08 -11.40 30.78
C ILE E 59 3.73 -10.06 30.46
N MET E 60 3.69 -9.11 31.39
CA MET E 60 4.32 -7.83 31.15
C MET E 60 5.82 -7.97 30.98
N ASN E 61 6.45 -8.82 31.79
CA ASN E 61 7.89 -9.05 31.66
C ASN E 61 8.23 -9.64 30.29
N SER E 62 7.46 -10.65 29.86
CA SER E 62 7.71 -11.27 28.56
C SER E 62 7.51 -10.28 27.44
N PHE E 63 6.47 -9.44 27.54
CA PHE E 63 6.23 -8.45 26.50
C PHE E 63 7.35 -7.42 26.44
N VAL E 64 7.83 -6.97 27.60
CA VAL E 64 8.95 -6.04 27.64
C VAL E 64 10.17 -6.66 26.98
N ASN E 65 10.49 -7.91 27.36
CA ASN E 65 11.63 -8.58 26.75
C ASN E 65 11.47 -8.69 25.25
N ASP E 66 10.27 -9.03 24.78
CA ASP E 66 10.05 -9.23 23.35
C ASP E 66 10.22 -7.92 22.58
N VAL E 67 9.59 -6.84 23.04
CA VAL E 67 9.68 -5.58 22.31
C VAL E 67 11.11 -5.04 22.38
N PHE E 68 11.79 -5.23 23.51
CA PHE E 68 13.16 -4.76 23.63
C PHE E 68 14.08 -5.55 22.70
N GLU E 69 13.84 -6.85 22.56
CA GLU E 69 14.64 -7.65 21.63
C GLU E 69 14.35 -7.28 20.18
N ARG E 70 13.09 -6.95 19.87
CA ARG E 70 12.76 -6.44 18.55
C ARG E 70 13.56 -5.18 18.25
N ILE E 71 13.54 -4.23 19.19
CA ILE E 71 14.26 -2.97 18.99
C ILE E 71 15.75 -3.21 18.85
N ALA E 72 16.30 -4.12 19.68
CA ALA E 72 17.73 -4.41 19.61
C ALA E 72 18.10 -5.03 18.28
N GLY E 73 17.29 -5.97 17.79
CA GLY E 73 17.56 -6.58 16.51
C GLY E 73 17.50 -5.58 15.37
N GLU E 74 16.49 -4.71 15.40
CA GLU E 74 16.39 -3.68 14.37
C GLU E 74 17.56 -2.72 14.42
N ALA E 75 18.00 -2.36 15.63
CA ALA E 75 19.15 -1.46 15.76
C ALA E 75 20.42 -2.11 15.25
N SER E 76 20.61 -3.40 15.55
CA SER E 76 21.79 -4.10 15.06
C SER E 76 21.77 -4.20 13.53
N ARG E 77 20.61 -4.52 12.97
CA ARG E 77 20.50 -4.60 11.52
C ARG E 77 20.78 -3.25 10.87
N LEU E 78 20.27 -2.17 11.47
CA LEU E 78 20.51 -0.84 10.93
C LEU E 78 21.98 -0.47 11.01
N ALA E 79 22.62 -0.77 12.15
CA ALA E 79 24.04 -0.48 12.31
C ALA E 79 24.87 -1.24 11.28
N HIS E 80 24.52 -2.51 11.03
CA HIS E 80 25.21 -3.26 10.01
C HIS E 80 24.97 -2.66 8.63
N TYR E 81 23.75 -2.20 8.37
CA TYR E 81 23.44 -1.58 7.08
C TYR E 81 24.25 -0.31 6.87
N ASN E 82 24.51 0.44 7.94
CA ASN E 82 25.37 1.61 7.86
C ASN E 82 26.81 1.29 8.21
N LYS E 83 27.14 0.02 8.40
CA LYS E 83 28.50 -0.45 8.68
C LYS E 83 29.10 0.19 9.93
N ARG E 84 28.27 0.72 10.81
CA ARG E 84 28.73 1.30 12.06
C ARG E 84 28.65 0.28 13.19
N SER E 85 29.65 0.31 14.06
CA SER E 85 29.75 -0.65 15.15
C SER E 85 29.35 -0.06 16.50
N THR E 86 28.76 1.13 16.50
CA THR E 86 28.36 1.81 17.74
C THR E 86 26.87 2.09 17.65
N ILE E 87 26.07 1.34 18.40
CA ILE E 87 24.64 1.64 18.48
C ILE E 87 24.44 2.83 19.40
N THR E 88 23.92 3.92 18.84
CA THR E 88 23.72 5.16 19.57
C THR E 88 22.22 5.48 19.63
N SER E 89 21.92 6.68 20.13
CA SER E 89 20.52 7.07 20.31
C SER E 89 19.80 7.20 18.97
N ARG E 90 20.51 7.65 17.94
CA ARG E 90 19.88 7.83 16.63
C ARG E 90 19.42 6.49 16.06
N GLU E 91 20.21 5.44 16.27
CA GLU E 91 19.80 4.11 15.83
C GLU E 91 18.51 3.68 16.53
N ILE E 92 18.42 3.94 17.83
CA ILE E 92 17.21 3.58 18.57
C ILE E 92 16.03 4.40 18.07
N GLN E 93 16.26 5.67 17.76
CA GLN E 93 15.20 6.51 17.20
C GLN E 93 14.67 5.91 15.91
N THR E 94 15.57 5.56 14.99
CA THR E 94 15.16 4.97 13.72
C THR E 94 14.42 3.65 13.96
N ALA E 95 14.93 2.83 14.89
CA ALA E 95 14.31 1.53 15.14
C ALA E 95 12.90 1.68 15.69
N VAL E 96 12.70 2.60 16.63
CA VAL E 96 11.36 2.79 17.20
C VAL E 96 10.42 3.43 16.18
N ARG E 97 10.94 4.34 15.35
CA ARG E 97 10.11 4.88 14.28
C ARG E 97 9.72 3.80 13.27
N LEU E 98 10.56 2.78 13.10
CA LEU E 98 10.22 1.67 12.22
C LEU E 98 9.19 0.75 12.86
N LEU E 99 9.38 0.42 14.15
CA LEU E 99 8.57 -0.61 14.78
C LEU E 99 7.20 -0.08 15.18
N LEU E 100 7.16 0.90 16.07
CA LEU E 100 5.88 1.34 16.61
C LEU E 100 5.10 2.12 15.55
N PRO E 101 3.79 1.90 15.46
CA PRO E 101 2.99 2.57 14.42
C PRO E 101 2.56 3.96 14.86
N GLY E 102 2.76 4.93 13.97
CA GLY E 102 2.20 6.26 14.09
C GLY E 102 2.35 6.98 15.41
N GLU E 103 1.22 7.26 16.07
CA GLU E 103 1.23 8.10 17.26
C GLU E 103 1.99 7.45 18.40
N LEU E 104 1.96 6.12 18.48
CA LEU E 104 2.83 5.44 19.44
C LEU E 104 4.28 5.82 19.21
N ALA E 105 4.72 5.75 17.96
CA ALA E 105 6.10 6.11 17.63
C ALA E 105 6.38 7.58 17.96
N LYS E 106 5.42 8.46 17.67
CA LYS E 106 5.62 9.89 17.94
C LYS E 106 5.81 10.14 19.43
N HIS E 107 4.88 9.64 20.25
CA HIS E 107 4.99 9.83 21.68
C HIS E 107 6.25 9.17 22.23
N ALA E 108 6.60 8.00 21.70
CA ALA E 108 7.79 7.29 22.18
C ALA E 108 9.06 8.09 21.90
N VAL E 109 9.19 8.61 20.68
CA VAL E 109 10.39 9.36 20.36
C VAL E 109 10.43 10.68 21.11
N SER E 110 9.28 11.30 21.36
CA SER E 110 9.29 12.51 22.18
C SER E 110 9.77 12.21 23.60
N GLU E 111 9.24 11.13 24.19
CA GLU E 111 9.67 10.75 25.54
C GLU E 111 11.15 10.42 25.58
N GLY E 112 11.64 9.69 24.56
CA GLY E 112 13.04 9.33 24.53
C GLY E 112 13.95 10.53 24.38
N THR E 113 13.57 11.48 23.52
CA THR E 113 14.35 12.70 23.37
C THR E 113 14.38 13.50 24.66
N LYS E 114 13.22 13.63 25.32
CA LYS E 114 13.18 14.32 26.60
C LYS E 114 14.09 13.66 27.62
N ALA E 115 14.04 12.34 27.71
CA ALA E 115 14.84 11.61 28.69
C ALA E 115 16.32 11.76 28.41
N VAL E 116 16.72 11.62 27.14
CA VAL E 116 18.15 11.70 26.82
C VAL E 116 18.66 13.13 27.00
N THR E 117 17.82 14.13 26.75
CA THR E 117 18.24 15.51 26.98
C THR E 117 18.38 15.78 28.48
N LYS E 118 17.46 15.26 29.28
CA LYS E 118 17.57 15.41 30.73
C LYS E 118 18.83 14.72 31.25
N TYR E 119 19.14 13.54 30.71
CA TYR E 119 20.31 12.80 31.18
C TYR E 119 21.60 13.51 30.77
N THR E 120 21.69 13.96 29.51
CA THR E 120 22.90 14.62 29.04
C THR E 120 23.14 15.94 29.74
N SER E 121 22.08 16.55 30.29
CA SER E 121 22.19 17.82 31.00
C SER E 121 22.58 17.66 32.46
N ALA E 122 23.14 16.51 32.84
CA ALA E 122 23.55 16.27 34.22
C ALA E 122 24.82 17.06 34.55
N LYS F 38 -45.89 -29.63 29.13
CA LYS F 38 -45.42 -28.95 27.93
C LYS F 38 -43.96 -28.53 28.07
N PRO F 39 -43.05 -29.41 27.65
CA PRO F 39 -41.62 -29.07 27.74
C PRO F 39 -41.27 -27.90 26.83
N HIS F 40 -40.38 -27.05 27.31
CA HIS F 40 -39.94 -25.87 26.57
C HIS F 40 -38.59 -26.13 25.92
N ARG F 41 -38.43 -25.64 24.69
CA ARG F 41 -37.19 -25.79 23.95
C ARG F 41 -36.91 -24.51 23.18
N TYR F 42 -35.72 -23.96 23.37
CA TYR F 42 -35.32 -22.77 22.62
C TYR F 42 -35.15 -23.11 21.15
N ARG F 43 -35.27 -22.09 20.31
CA ARG F 43 -35.00 -22.26 18.89
C ARG F 43 -33.50 -22.52 18.69
N PRO F 44 -33.13 -23.24 17.64
CA PRO F 44 -31.71 -23.54 17.41
C PRO F 44 -30.90 -22.27 17.24
N GLY F 45 -29.68 -22.30 17.77
CA GLY F 45 -28.77 -21.17 17.65
C GLY F 45 -28.81 -20.23 18.85
N THR F 46 -29.99 -20.08 19.46
CA THR F 46 -30.12 -19.19 20.61
C THR F 46 -29.24 -19.65 21.77
N VAL F 47 -29.34 -20.92 22.14
CA VAL F 47 -28.45 -21.48 23.15
C VAL F 47 -27.01 -21.39 22.67
N ALA F 48 -26.78 -21.61 21.38
CA ALA F 48 -25.44 -21.49 20.83
C ALA F 48 -24.91 -20.07 20.97
N LEU F 49 -25.75 -19.06 20.67
CA LEU F 49 -25.32 -17.68 20.81
C LEU F 49 -25.04 -17.32 22.26
N ARG F 50 -25.89 -17.82 23.18
CA ARG F 50 -25.66 -17.56 24.60
C ARG F 50 -24.34 -18.17 25.06
N GLU F 51 -24.06 -19.41 24.63
CA GLU F 51 -22.79 -20.03 24.98
C GLU F 51 -21.62 -19.29 24.35
N ILE F 52 -21.81 -18.75 23.15
CA ILE F 52 -20.78 -17.95 22.50
C ILE F 52 -20.45 -16.73 23.36
N ARG F 53 -21.49 -16.01 23.79
CA ARG F 53 -21.29 -14.86 24.65
C ARG F 53 -20.57 -15.25 25.94
N ARG F 54 -21.02 -16.34 26.57
CA ARG F 54 -20.42 -16.78 27.83
C ARG F 54 -18.95 -17.10 27.66
N TYR F 55 -18.60 -17.83 26.59
CA TYR F 55 -17.22 -18.26 26.41
C TYR F 55 -16.33 -17.10 25.98
N GLN F 56 -16.88 -16.17 25.21
CA GLN F 56 -16.13 -14.96 24.88
C GLN F 56 -15.87 -14.14 26.14
N LYS F 57 -16.80 -14.18 27.09
CA LYS F 57 -16.58 -13.49 28.35
C LYS F 57 -15.59 -14.23 29.23
N SER F 58 -15.61 -15.56 29.19
CA SER F 58 -14.79 -16.39 30.07
C SER F 58 -13.35 -16.45 29.55
N THR F 59 -12.48 -17.10 30.32
CA THR F 59 -11.06 -17.16 29.96
C THR F 59 -10.39 -18.51 30.15
N GLU F 60 -10.99 -19.44 30.90
CA GLU F 60 -10.30 -20.69 31.19
C GLU F 60 -10.13 -21.52 29.92
N LEU F 61 -9.35 -22.60 30.05
CA LEU F 61 -9.07 -23.46 28.91
C LEU F 61 -10.29 -24.30 28.57
N LEU F 62 -10.62 -24.39 27.28
CA LEU F 62 -11.76 -25.17 26.82
C LEU F 62 -11.39 -26.59 26.42
N ILE F 63 -10.20 -27.05 26.82
CA ILE F 63 -9.72 -28.40 26.52
C ILE F 63 -9.31 -29.03 27.84
N ARG F 64 -9.72 -30.28 28.05
CA ARG F 64 -9.35 -30.99 29.27
C ARG F 64 -7.84 -31.17 29.34
N LYS F 65 -7.28 -30.97 30.54
CA LYS F 65 -5.83 -30.95 30.75
C LYS F 65 -5.17 -32.27 30.42
N LEU F 66 -5.53 -33.32 31.16
CA LEU F 66 -4.86 -34.61 31.03
C LEU F 66 -4.97 -35.23 29.64
N PRO F 67 -6.11 -35.19 28.94
CA PRO F 67 -6.12 -35.71 27.56
C PRO F 67 -5.16 -34.99 26.66
N PHE F 68 -5.12 -33.66 26.72
CA PHE F 68 -4.17 -32.91 25.89
C PHE F 68 -2.73 -33.24 26.26
N GLN F 69 -2.45 -33.42 27.56
CA GLN F 69 -1.09 -33.75 27.97
C GLN F 69 -0.67 -35.11 27.45
N ARG F 70 -1.56 -36.10 27.54
CA ARG F 70 -1.26 -37.42 27.00
C ARG F 70 -1.08 -37.35 25.49
N LEU F 71 -1.87 -36.52 24.82
CA LEU F 71 -1.72 -36.35 23.37
C LEU F 71 -0.36 -35.76 23.03
N VAL F 72 0.08 -34.77 23.81
CA VAL F 72 1.39 -34.17 23.56
C VAL F 72 2.49 -35.18 23.75
N ARG F 73 2.38 -36.00 24.80
CA ARG F 73 3.40 -37.04 25.02
C ARG F 73 3.40 -38.05 23.86
N GLU F 74 2.21 -38.47 23.43
CA GLU F 74 2.11 -39.45 22.36
C GLU F 74 2.69 -38.90 21.05
N ILE F 75 2.47 -37.62 20.79
CA ILE F 75 3.00 -37.01 19.56
C ILE F 75 4.51 -36.82 19.67
N ALA F 76 5.00 -36.40 20.85
CA ALA F 76 6.43 -36.24 21.03
C ALA F 76 7.16 -37.56 20.95
N GLN F 77 6.46 -38.67 21.17
CA GLN F 77 7.06 -39.99 20.99
C GLN F 77 7.69 -40.14 19.61
N ASP F 78 7.25 -39.34 18.65
CA ASP F 78 7.79 -39.39 17.29
C ASP F 78 9.23 -38.90 17.20
N PHE F 79 9.78 -38.29 18.25
CA PHE F 79 11.10 -37.69 18.17
C PHE F 79 12.09 -38.28 19.17
N LYS F 80 11.64 -38.63 20.36
CA LYS F 80 12.48 -39.30 21.35
C LYS F 80 11.58 -39.82 22.46
N THR F 81 11.98 -40.97 23.02
CA THR F 81 11.20 -41.55 24.11
C THR F 81 11.61 -40.91 25.43
N ASP F 82 10.94 -41.35 26.50
CA ASP F 82 11.21 -40.91 27.88
C ASP F 82 11.45 -39.40 27.98
N LEU F 83 10.73 -38.62 27.18
CA LEU F 83 10.83 -37.17 27.20
C LEU F 83 9.84 -36.63 28.22
N ARG F 84 10.35 -35.98 29.26
CA ARG F 84 9.50 -35.38 30.26
C ARG F 84 9.13 -33.96 29.85
N PHE F 85 8.19 -33.37 30.57
CA PHE F 85 7.71 -32.03 30.26
C PHE F 85 7.39 -31.30 31.56
N GLN F 86 7.78 -30.03 31.62
CA GLN F 86 7.33 -29.18 32.70
C GLN F 86 5.83 -28.93 32.53
N SER F 87 5.07 -29.13 33.61
CA SER F 87 3.62 -28.95 33.54
C SER F 87 3.27 -27.59 32.95
N SER F 88 3.90 -26.53 33.47
CA SER F 88 3.62 -25.18 32.99
C SER F 88 3.91 -25.05 31.50
N ALA F 89 5.01 -25.65 31.05
CA ALA F 89 5.32 -25.67 29.63
C ALA F 89 4.21 -26.36 28.84
N VAL F 90 3.67 -27.44 29.40
CA VAL F 90 2.63 -28.18 28.67
C VAL F 90 1.37 -27.34 28.56
N MET F 91 0.97 -26.66 29.63
CA MET F 91 -0.24 -25.84 29.53
C MET F 91 0.01 -24.60 28.67
N ALA F 92 1.25 -24.10 28.64
CA ALA F 92 1.57 -23.00 27.75
C ALA F 92 1.41 -23.41 26.29
N LEU F 93 1.98 -24.56 25.93
CA LEU F 93 1.80 -25.10 24.58
C LEU F 93 0.33 -25.31 24.26
N GLN F 94 -0.41 -25.93 25.19
CA GLN F 94 -1.81 -26.22 24.95
C GLN F 94 -2.61 -24.93 24.73
N GLU F 95 -2.33 -23.89 25.53
CA GLU F 95 -3.10 -22.65 25.42
C GLU F 95 -2.72 -21.87 24.18
N ALA F 96 -1.44 -21.90 23.78
CA ALA F 96 -1.05 -21.28 22.53
C ALA F 96 -1.74 -21.95 21.35
N SER F 97 -1.76 -23.28 21.34
CA SER F 97 -2.44 -23.99 20.27
C SER F 97 -3.94 -23.77 20.32
N GLU F 98 -4.50 -23.63 21.52
CA GLU F 98 -5.91 -23.30 21.66
C GLU F 98 -6.22 -21.94 21.05
N ALA F 99 -5.38 -20.95 21.33
CA ALA F 99 -5.59 -19.63 20.76
C ALA F 99 -5.43 -19.64 19.26
N TYR F 100 -4.50 -20.46 18.75
CA TYR F 100 -4.37 -20.64 17.31
C TYR F 100 -5.63 -21.25 16.72
N LEU F 101 -6.25 -22.18 17.44
CA LEU F 101 -7.50 -22.78 16.98
C LEU F 101 -8.62 -21.75 16.99
N VAL F 102 -8.68 -20.91 18.02
CA VAL F 102 -9.67 -19.84 18.06
C VAL F 102 -9.50 -18.94 16.83
N ALA F 103 -8.26 -18.55 16.53
CA ALA F 103 -7.99 -17.70 15.39
C ALA F 103 -8.42 -18.36 14.09
N LEU F 104 -8.11 -19.65 13.94
CA LEU F 104 -8.46 -20.39 12.73
C LEU F 104 -9.97 -20.45 12.55
N PHE F 105 -10.69 -20.80 13.63
CA PHE F 105 -12.14 -20.78 13.56
C PHE F 105 -12.67 -19.40 13.22
N GLU F 106 -11.97 -18.35 13.67
CA GLU F 106 -12.36 -16.99 13.31
C GLU F 106 -12.35 -16.80 11.80
N ASP F 107 -11.23 -17.11 11.13
CA ASP F 107 -11.25 -16.85 9.69
C ASP F 107 -12.15 -17.84 8.96
N THR F 108 -12.34 -19.05 9.47
CA THR F 108 -13.29 -19.96 8.82
C THR F 108 -14.70 -19.39 8.91
N ASN F 109 -15.07 -18.83 10.06
CA ASN F 109 -16.34 -18.13 10.21
C ASN F 109 -16.45 -16.97 9.23
N LEU F 110 -15.35 -16.24 9.06
CA LEU F 110 -15.36 -15.11 8.14
C LEU F 110 -15.64 -15.56 6.71
N CYS F 111 -14.91 -16.58 6.25
CA CYS F 111 -15.14 -17.08 4.89
C CYS F 111 -16.53 -17.69 4.76
N ALA F 112 -17.05 -18.28 5.84
CA ALA F 112 -18.38 -18.86 5.79
C ALA F 112 -19.45 -17.79 5.63
N ILE F 113 -19.37 -16.73 6.43
CA ILE F 113 -20.35 -15.64 6.31
C ILE F 113 -20.17 -14.92 4.98
N HIS F 114 -18.95 -14.95 4.44
CA HIS F 114 -18.74 -14.45 3.09
C HIS F 114 -19.41 -15.32 2.04
N ALA F 115 -19.45 -16.63 2.26
CA ALA F 115 -20.10 -17.56 1.33
C ALA F 115 -21.61 -17.61 1.52
N LYS F 116 -22.19 -16.61 2.20
CA LYS F 116 -23.62 -16.54 2.49
C LYS F 116 -24.12 -17.74 3.28
N ARG F 117 -23.24 -18.35 4.07
CA ARG F 117 -23.59 -19.48 4.91
C ARG F 117 -23.28 -19.17 6.37
N VAL F 118 -23.90 -19.93 7.27
CA VAL F 118 -23.66 -19.81 8.70
C VAL F 118 -23.13 -21.09 9.31
N THR F 119 -22.92 -22.13 8.51
CA THR F 119 -22.40 -23.40 8.99
C THR F 119 -21.02 -23.61 8.37
N ILE F 120 -19.99 -23.69 9.22
CA ILE F 120 -18.65 -23.93 8.71
C ILE F 120 -18.57 -25.35 8.13
N MET F 121 -17.73 -25.51 7.12
CA MET F 121 -17.56 -26.78 6.42
C MET F 121 -16.08 -27.03 6.21
N PRO F 122 -15.67 -28.30 6.11
CA PRO F 122 -14.23 -28.61 5.98
C PRO F 122 -13.56 -27.89 4.83
N LYS F 123 -14.28 -27.66 3.72
CA LYS F 123 -13.71 -26.87 2.63
C LYS F 123 -13.37 -25.47 3.09
N ASP F 124 -14.16 -24.92 4.01
CA ASP F 124 -13.87 -23.57 4.50
C ASP F 124 -12.61 -23.56 5.36
N ILE F 125 -12.43 -24.59 6.19
CA ILE F 125 -11.20 -24.69 6.98
C ILE F 125 -10.00 -24.84 6.07
N GLN F 126 -10.13 -25.68 5.04
CA GLN F 126 -9.02 -25.86 4.10
C GLN F 126 -8.70 -24.56 3.37
N LEU F 127 -9.74 -23.80 3.00
CA LEU F 127 -9.52 -22.51 2.37
C LEU F 127 -8.79 -21.54 3.31
N ALA F 128 -9.21 -21.51 4.57
CA ALA F 128 -8.57 -20.62 5.54
C ALA F 128 -7.10 -20.97 5.70
N ARG F 129 -6.80 -22.27 5.84
CA ARG F 129 -5.42 -22.69 5.99
C ARG F 129 -4.62 -22.43 4.72
N ARG F 130 -5.28 -22.50 3.56
CA ARG F 130 -4.61 -22.19 2.31
C ARG F 130 -4.25 -20.71 2.22
N ILE F 131 -5.16 -19.84 2.62
CA ILE F 131 -4.89 -18.40 2.58
C ILE F 131 -3.82 -18.04 3.59
N ARG F 132 -3.87 -18.65 4.78
CA ARG F 132 -2.84 -18.40 5.78
C ARG F 132 -1.47 -18.93 5.36
N GLY F 133 -1.41 -19.80 4.36
CA GLY F 133 -0.15 -20.37 3.94
C GLY F 133 0.30 -21.52 4.80
N GLU F 134 -0.61 -22.48 5.05
CA GLU F 134 -0.33 -23.64 5.87
C GLU F 134 -0.31 -24.93 5.06
N ARG F 135 -0.12 -24.83 3.75
CA ARG F 135 -0.09 -26.01 2.89
C ARG F 135 0.73 -25.74 1.62
N ALA G 12 56.55 -22.88 3.99
CA ALA G 12 55.30 -23.60 4.15
C ALA G 12 54.20 -23.01 3.27
N LYS G 13 53.70 -23.81 2.32
CA LYS G 13 52.66 -23.35 1.43
C LYS G 13 51.32 -23.29 2.16
N ALA G 14 50.39 -22.53 1.58
CA ALA G 14 49.07 -22.31 2.17
C ALA G 14 48.00 -22.80 1.21
N LYS G 15 47.06 -23.58 1.74
CA LYS G 15 45.89 -24.03 1.00
C LYS G 15 44.64 -23.62 1.76
N THR G 16 43.62 -23.18 1.04
CA THR G 16 42.40 -22.72 1.67
C THR G 16 41.69 -23.88 2.37
N ARG G 17 40.92 -23.52 3.40
CA ARG G 17 40.21 -24.55 4.17
C ARG G 17 39.18 -25.27 3.32
N SER G 18 38.56 -24.56 2.37
CA SER G 18 37.59 -25.20 1.49
C SER G 18 38.23 -26.33 0.68
N SER G 19 39.49 -26.15 0.29
CA SER G 19 40.21 -27.23 -0.36
C SER G 19 40.41 -28.42 0.58
N ARG G 20 40.75 -28.13 1.84
CA ARG G 20 40.90 -29.20 2.83
C ARG G 20 39.56 -29.85 3.13
N ALA G 21 38.48 -29.07 3.15
CA ALA G 21 37.15 -29.60 3.36
C ALA G 21 36.52 -30.15 2.08
N GLY G 22 37.19 -30.03 0.95
CA GLY G 22 36.66 -30.49 -0.32
C GLY G 22 35.41 -29.73 -0.72
N LEU G 23 35.40 -28.42 -0.48
CA LEU G 23 34.24 -27.59 -0.74
C LEU G 23 34.62 -26.46 -1.69
N GLN G 24 33.60 -25.92 -2.35
CA GLN G 24 33.80 -24.85 -3.33
C GLN G 24 33.52 -23.46 -2.76
N PHE G 25 32.62 -23.35 -1.78
CA PHE G 25 32.34 -22.05 -1.19
C PHE G 25 33.51 -21.61 -0.32
N PRO G 26 33.75 -20.30 -0.21
CA PRO G 26 34.90 -19.82 0.57
C PRO G 26 34.68 -19.96 2.07
N VAL G 27 35.40 -20.91 2.68
CA VAL G 27 35.26 -21.14 4.12
C VAL G 27 35.78 -19.94 4.89
N GLY G 28 36.91 -19.38 4.46
CA GLY G 28 37.47 -18.23 5.14
C GLY G 28 36.57 -17.01 5.07
N ARG G 29 35.90 -16.82 3.93
CA ARG G 29 34.97 -15.70 3.81
C ARG G 29 33.78 -15.88 4.75
N VAL G 30 33.26 -17.11 4.85
CA VAL G 30 32.16 -17.37 5.78
C VAL G 30 32.62 -17.12 7.22
N HIS G 31 33.87 -17.50 7.53
CA HIS G 31 34.40 -17.25 8.86
C HIS G 31 34.49 -15.75 9.15
N ARG G 32 34.97 -14.98 8.18
CA ARG G 32 35.03 -13.53 8.35
C ARG G 32 33.64 -12.94 8.54
N LEU G 33 32.67 -13.41 7.75
CA LEU G 33 31.30 -12.90 7.87
C LEU G 33 30.74 -13.23 9.25
N LEU G 34 30.98 -14.43 9.74
CA LEU G 34 30.48 -14.82 11.06
C LEU G 34 31.14 -13.99 12.15
N ARG G 35 32.45 -13.74 12.02
CA ARG G 35 33.15 -12.92 13.01
C ARG G 35 32.60 -11.50 13.04
N LYS G 36 32.47 -10.89 11.86
CA LYS G 36 32.00 -9.51 11.79
C LYS G 36 30.50 -9.38 11.94
N GLY G 37 29.75 -10.48 12.01
CA GLY G 37 28.32 -10.42 12.12
C GLY G 37 27.77 -10.30 13.51
N ASN G 38 28.64 -10.32 14.53
CA ASN G 38 28.23 -10.15 15.93
C ASN G 38 27.23 -11.23 16.35
N TYR G 39 27.43 -12.45 15.87
CA TYR G 39 26.58 -13.58 16.24
C TYR G 39 27.07 -14.30 17.47
N ALA G 40 28.34 -14.13 17.84
CA ALA G 40 28.90 -14.78 19.03
C ALA G 40 30.21 -14.08 19.37
N GLU G 41 30.69 -14.32 20.58
CA GLU G 41 31.99 -13.78 20.97
C GLU G 41 33.12 -14.44 20.20
N ARG G 42 32.96 -15.72 19.86
CA ARG G 42 33.97 -16.42 19.08
C ARG G 42 33.30 -17.59 18.37
N VAL G 43 33.47 -17.66 17.06
CA VAL G 43 32.88 -18.72 16.25
C VAL G 43 33.74 -19.97 16.35
N GLY G 44 33.09 -21.13 16.42
CA GLY G 44 33.83 -22.38 16.45
C GLY G 44 34.63 -22.62 15.20
N ALA G 45 35.51 -23.62 15.27
CA ALA G 45 36.36 -23.93 14.13
C ALA G 45 35.57 -24.56 13.00
N GLY G 46 34.80 -25.61 13.30
CA GLY G 46 34.04 -26.31 12.27
C GLY G 46 32.72 -25.67 11.89
N ALA G 47 32.29 -24.64 12.61
CA ALA G 47 31.03 -23.98 12.29
C ALA G 47 31.03 -23.36 10.89
N PRO G 48 32.04 -22.57 10.49
CA PRO G 48 32.02 -22.05 9.12
C PRO G 48 32.13 -23.13 8.06
N VAL G 49 32.86 -24.22 8.34
CA VAL G 49 32.92 -25.33 7.39
C VAL G 49 31.54 -25.93 7.20
N TYR G 50 30.84 -26.21 8.31
CA TYR G 50 29.49 -26.75 8.24
C TYR G 50 28.55 -25.80 7.50
N LEU G 51 28.69 -24.50 7.74
CA LEU G 51 27.83 -23.52 7.09
C LEU G 51 28.08 -23.47 5.58
N ALA G 52 29.35 -23.48 5.19
CA ALA G 52 29.68 -23.54 3.77
C ALA G 52 29.13 -24.81 3.14
N ALA G 53 29.19 -25.92 3.86
CA ALA G 53 28.68 -27.19 3.34
C ALA G 53 27.18 -27.11 3.07
N VAL G 54 26.42 -26.63 4.07
CA VAL G 54 24.97 -26.60 3.90
C VAL G 54 24.58 -25.60 2.83
N LEU G 55 25.30 -24.47 2.74
CA LEU G 55 25.01 -23.51 1.68
C LEU G 55 25.31 -24.10 0.31
N GLU G 56 26.42 -24.84 0.18
CA GLU G 56 26.72 -25.49 -1.08
C GLU G 56 25.64 -26.49 -1.45
N TYR G 57 25.15 -27.26 -0.48
CA TYR G 57 24.11 -28.22 -0.78
C TYR G 57 22.83 -27.54 -1.25
N LEU G 58 22.42 -26.48 -0.57
CA LEU G 58 21.21 -25.76 -0.96
C LEU G 58 21.35 -25.16 -2.35
N THR G 59 22.50 -24.53 -2.62
CA THR G 59 22.74 -23.95 -3.93
C THR G 59 22.75 -25.03 -5.01
N ALA G 60 23.36 -26.18 -4.72
CA ALA G 60 23.37 -27.27 -5.68
C ALA G 60 21.95 -27.72 -6.01
N GLU G 61 21.11 -27.88 -4.98
CA GLU G 61 19.73 -28.31 -5.22
C GLU G 61 18.98 -27.30 -6.08
N ILE G 62 19.02 -26.02 -5.69
CA ILE G 62 18.22 -25.02 -6.39
C ILE G 62 18.73 -24.85 -7.81
N LEU G 63 20.05 -24.90 -8.01
CA LEU G 63 20.60 -24.74 -9.34
C LEU G 63 20.33 -25.96 -10.22
N GLU G 64 20.32 -27.16 -9.64
CA GLU G 64 19.95 -28.34 -10.41
C GLU G 64 18.52 -28.23 -10.89
N LEU G 65 17.60 -27.84 -10.00
CA LEU G 65 16.21 -27.69 -10.42
C LEU G 65 16.07 -26.60 -11.47
N ALA G 66 16.78 -25.49 -11.31
CA ALA G 66 16.71 -24.39 -12.27
C ALA G 66 17.24 -24.82 -13.63
N GLY G 67 18.35 -25.55 -13.65
CA GLY G 67 18.89 -26.03 -14.91
C GLY G 67 18.01 -27.05 -15.59
N ASN G 68 17.35 -27.91 -14.80
CA ASN G 68 16.38 -28.83 -15.37
C ASN G 68 15.24 -28.07 -16.03
N ALA G 69 14.71 -27.06 -15.34
CA ALA G 69 13.66 -26.24 -15.93
C ALA G 69 14.13 -25.54 -17.19
N ALA G 70 15.37 -25.05 -17.19
CA ALA G 70 15.89 -24.35 -18.35
C ALA G 70 16.03 -25.29 -19.54
N ARG G 71 16.55 -26.50 -19.30
CA ARG G 71 16.62 -27.49 -20.37
C ARG G 71 15.23 -27.86 -20.87
N ASP G 72 14.25 -27.88 -19.97
CA ASP G 72 12.87 -28.08 -20.39
C ASP G 72 12.36 -26.94 -21.24
N ASN G 73 12.85 -25.72 -21.03
CA ASN G 73 12.46 -24.57 -21.84
C ASN G 73 13.36 -24.36 -23.06
N LYS G 74 14.24 -25.32 -23.35
CA LYS G 74 15.12 -25.27 -24.51
C LYS G 74 15.98 -24.01 -24.51
N LYS G 75 16.57 -23.73 -23.35
CA LYS G 75 17.47 -22.59 -23.19
C LYS G 75 18.64 -22.99 -22.29
N THR G 76 19.75 -22.30 -22.46
CA THR G 76 20.95 -22.54 -21.66
C THR G 76 21.09 -21.51 -20.53
N ARG G 77 21.00 -20.22 -20.86
CA ARG G 77 21.10 -19.18 -19.85
C ARG G 77 19.95 -19.29 -18.86
N ILE G 78 20.29 -19.52 -17.59
CA ILE G 78 19.26 -19.61 -16.55
C ILE G 78 18.72 -18.21 -16.30
N ILE G 79 17.43 -18.01 -16.56
CA ILE G 79 16.79 -16.72 -16.38
C ILE G 79 15.98 -16.79 -15.08
N PRO G 80 15.61 -15.65 -14.48
CA PRO G 80 14.86 -15.70 -13.22
C PRO G 80 13.57 -16.51 -13.27
N ARG G 81 12.94 -16.60 -14.45
CA ARG G 81 11.73 -17.39 -14.59
C ARG G 81 11.99 -18.85 -14.24
N HIS G 82 13.11 -19.40 -14.72
CA HIS G 82 13.46 -20.77 -14.38
C HIS G 82 13.66 -20.93 -12.88
N LEU G 83 14.31 -19.95 -12.25
CA LEU G 83 14.55 -20.02 -10.81
C LEU G 83 13.23 -20.04 -10.04
N GLN G 84 12.31 -19.15 -10.41
CA GLN G 84 11.02 -19.11 -9.72
C GLN G 84 10.23 -20.40 -9.94
N LEU G 85 10.24 -20.91 -11.17
CA LEU G 85 9.53 -22.15 -11.47
C LEU G 85 10.11 -23.32 -10.67
N ALA G 86 11.44 -23.39 -10.58
CA ALA G 86 12.08 -24.45 -9.81
C ALA G 86 11.76 -24.32 -8.33
N VAL G 87 11.74 -23.09 -7.81
CA VAL G 87 11.42 -22.87 -6.41
C VAL G 87 9.99 -23.34 -6.12
N ARG G 88 9.05 -22.96 -6.99
CA ARG G 88 7.66 -23.33 -6.76
C ARG G 88 7.39 -24.80 -7.04
N ASN G 89 8.29 -25.48 -7.76
CA ASN G 89 8.11 -26.89 -8.09
C ASN G 89 8.75 -27.83 -7.07
N ASP G 90 8.86 -27.40 -5.81
CA ASP G 90 9.35 -28.26 -4.75
C ASP G 90 8.67 -27.87 -3.45
N GLU G 91 8.10 -28.86 -2.76
CA GLU G 91 7.35 -28.60 -1.54
C GLU G 91 8.26 -28.02 -0.46
N GLU G 92 9.37 -28.71 -0.18
CA GLU G 92 10.27 -28.25 0.88
C GLU G 92 10.91 -26.92 0.52
N LEU G 93 11.35 -26.76 -0.72
CA LEU G 93 11.93 -25.48 -1.13
C LEU G 93 10.92 -24.36 -1.07
N ASN G 94 9.67 -24.63 -1.47
CA ASN G 94 8.62 -23.62 -1.38
C ASN G 94 8.38 -23.22 0.07
N LYS G 95 8.23 -24.20 0.95
CA LYS G 95 8.04 -23.89 2.37
C LYS G 95 9.23 -23.13 2.94
N LEU G 96 10.42 -23.35 2.38
CA LEU G 96 11.59 -22.58 2.81
C LEU G 96 11.50 -21.14 2.31
N LEU G 97 10.97 -20.95 1.10
CA LEU G 97 10.93 -19.62 0.47
C LEU G 97 9.50 -19.16 0.20
N GLY G 98 8.53 -19.62 0.98
CA GLY G 98 7.15 -19.20 0.77
C GLY G 98 6.95 -17.72 1.02
N ARG G 99 7.72 -17.14 1.93
CA ARG G 99 7.66 -15.71 2.22
C ARG G 99 8.68 -14.91 1.41
N VAL G 100 9.06 -15.40 0.24
CA VAL G 100 10.10 -14.78 -0.58
C VAL G 100 9.53 -14.49 -1.96
N THR G 101 9.87 -13.33 -2.51
CA THR G 101 9.49 -12.94 -3.86
C THR G 101 10.76 -12.86 -4.70
N ILE G 102 10.76 -13.57 -5.83
CA ILE G 102 11.89 -13.62 -6.74
C ILE G 102 11.67 -12.62 -7.86
N ALA G 103 12.73 -11.93 -8.26
CA ALA G 103 12.63 -10.96 -9.34
C ALA G 103 12.29 -11.67 -10.64
N GLN G 104 11.50 -10.97 -11.48
CA GLN G 104 11.07 -11.47 -12.79
C GLN G 104 10.48 -12.88 -12.69
N GLY G 105 9.92 -13.23 -11.53
CA GLY G 105 9.49 -14.61 -11.33
C GLY G 105 8.12 -14.91 -11.90
N GLY G 106 7.18 -14.00 -11.71
CA GLY G 106 5.83 -14.32 -12.11
C GLY G 106 5.25 -15.41 -11.22
N VAL G 107 4.38 -16.22 -11.83
CA VAL G 107 3.73 -17.32 -11.14
C VAL G 107 3.77 -18.55 -12.03
N LEU G 108 3.94 -19.71 -11.40
CA LEU G 108 3.83 -20.97 -12.12
C LEU G 108 2.49 -21.04 -12.84
N PRO G 109 2.46 -21.48 -14.10
CA PRO G 109 1.19 -21.56 -14.84
C PRO G 109 0.16 -22.39 -14.10
N ASN G 110 -0.90 -21.74 -13.65
CA ASN G 110 -1.90 -22.39 -12.81
C ASN G 110 -3.26 -21.79 -13.08
N ILE G 111 -4.24 -22.64 -13.38
CA ILE G 111 -5.62 -22.23 -13.60
C ILE G 111 -6.52 -23.12 -12.76
N GLN G 112 -7.47 -22.51 -12.06
CA GLN G 112 -8.38 -23.27 -11.21
C GLN G 112 -9.31 -24.14 -12.04
N SER G 113 -10.13 -24.92 -11.35
CA SER G 113 -10.97 -25.91 -12.02
C SER G 113 -12.17 -25.26 -12.70
N VAL G 114 -12.99 -24.54 -11.93
CA VAL G 114 -14.23 -23.98 -12.47
C VAL G 114 -13.98 -22.95 -13.54
N LEU G 115 -12.79 -22.35 -13.57
CA LEU G 115 -12.49 -21.37 -14.62
C LEU G 115 -12.34 -22.00 -16.01
N LEU G 116 -12.54 -23.31 -16.17
CA LEU G 116 -12.45 -23.94 -17.48
C LEU G 116 -13.82 -24.06 -18.12
N PRO G 117 -13.93 -23.76 -19.42
CA PRO G 117 -15.24 -23.81 -20.08
C PRO G 117 -15.75 -25.23 -20.29
N LYS G 118 -16.99 -25.35 -20.75
CA LYS G 118 -17.59 -26.66 -21.01
C LYS G 118 -18.70 -26.55 -22.04
N THR H 30 35.45 0.32 -5.83
CA THR H 30 35.30 -0.30 -4.53
C THR H 30 35.08 -1.81 -4.66
N ARG H 31 35.95 -2.58 -4.00
CA ARG H 31 35.84 -4.03 -4.02
C ARG H 31 34.56 -4.49 -3.32
N LYS H 32 33.63 -5.05 -4.06
CA LYS H 32 32.35 -5.51 -3.54
C LYS H 32 32.37 -7.04 -3.48
N GLU H 33 32.41 -7.58 -2.27
CA GLU H 33 32.45 -9.03 -2.10
C GLU H 33 31.10 -9.64 -2.45
N SER H 34 31.14 -10.79 -3.10
CA SER H 34 29.93 -11.49 -3.51
C SER H 34 30.22 -12.98 -3.53
N TYR H 35 29.35 -13.76 -4.17
CA TYR H 35 29.51 -15.20 -4.29
C TYR H 35 29.42 -15.68 -5.73
N ALA H 36 29.50 -14.78 -6.71
CA ALA H 36 29.19 -15.12 -8.10
C ALA H 36 30.05 -16.27 -8.61
N ILE H 37 31.37 -16.22 -8.35
CA ILE H 37 32.27 -17.24 -8.87
C ILE H 37 31.93 -18.60 -8.30
N TYR H 38 31.53 -18.65 -7.03
CA TYR H 38 31.24 -19.93 -6.40
C TYR H 38 29.92 -20.50 -6.92
N VAL H 39 28.91 -19.65 -7.11
CA VAL H 39 27.68 -20.12 -7.74
C VAL H 39 27.96 -20.63 -9.14
N TYR H 40 28.84 -19.95 -9.87
CA TYR H 40 29.20 -20.40 -11.21
C TYR H 40 29.89 -21.75 -11.17
N LYS H 41 30.80 -21.95 -10.21
CA LYS H 41 31.48 -23.23 -10.07
C LYS H 41 30.50 -24.34 -9.75
N VAL H 42 29.59 -24.10 -8.81
CA VAL H 42 28.61 -25.11 -8.43
C VAL H 42 27.71 -25.45 -9.61
N LEU H 43 27.30 -24.42 -10.37
CA LEU H 43 26.46 -24.65 -11.53
C LEU H 43 27.19 -25.50 -12.56
N LYS H 44 28.43 -25.14 -12.88
CA LYS H 44 29.23 -25.93 -13.82
C LYS H 44 29.38 -27.36 -13.33
N GLN H 45 29.48 -27.55 -12.02
CA GLN H 45 29.57 -28.89 -11.46
C GLN H 45 28.29 -29.68 -11.73
N VAL H 46 27.14 -29.11 -11.34
CA VAL H 46 25.89 -29.85 -11.48
C VAL H 46 25.40 -29.83 -12.92
N HIS H 47 25.63 -28.74 -13.63
CA HIS H 47 25.18 -28.58 -15.02
C HIS H 47 26.33 -28.04 -15.86
N PRO H 48 27.05 -28.90 -16.58
CA PRO H 48 28.23 -28.46 -17.32
C PRO H 48 27.93 -27.39 -18.38
N ASP H 49 27.02 -27.68 -19.30
CA ASP H 49 26.77 -26.82 -20.45
C ASP H 49 25.54 -25.94 -20.26
N THR H 50 25.29 -25.47 -19.04
CA THR H 50 24.16 -24.60 -18.75
C THR H 50 24.66 -23.21 -18.39
N GLY H 51 24.03 -22.19 -18.97
CA GLY H 51 24.39 -20.82 -18.71
C GLY H 51 23.54 -20.20 -17.61
N ILE H 52 23.91 -18.98 -17.21
CA ILE H 52 23.19 -18.25 -16.17
C ILE H 52 23.28 -16.76 -16.47
N SER H 53 22.18 -16.05 -16.23
CA SER H 53 22.15 -14.61 -16.44
C SER H 53 22.65 -13.89 -15.21
N SER H 54 23.22 -12.70 -15.42
CA SER H 54 23.71 -11.90 -14.31
C SER H 54 22.60 -11.54 -13.34
N LYS H 55 21.39 -11.32 -13.85
CA LYS H 55 20.24 -11.08 -12.98
C LYS H 55 19.98 -12.29 -12.10
N ALA H 56 19.86 -13.47 -12.70
CA ALA H 56 19.68 -14.70 -11.93
C ALA H 56 20.86 -14.94 -11.01
N MET H 57 22.06 -14.57 -11.43
CA MET H 57 23.23 -14.71 -10.56
C MET H 57 23.10 -13.84 -9.32
N SER H 58 22.64 -12.60 -9.51
CA SER H 58 22.44 -11.71 -8.36
C SER H 58 21.33 -12.23 -7.46
N ILE H 59 20.27 -12.79 -8.05
CA ILE H 59 19.20 -13.38 -7.24
C ILE H 59 19.75 -14.52 -6.40
N MET H 60 20.57 -15.38 -7.01
CA MET H 60 21.16 -16.49 -6.28
C MET H 60 22.09 -15.99 -5.17
N ASN H 61 22.85 -14.94 -5.46
CA ASN H 61 23.76 -14.37 -4.46
C ASN H 61 22.97 -13.85 -3.26
N SER H 62 21.92 -13.07 -3.52
CA SER H 62 21.08 -12.56 -2.44
C SER H 62 20.40 -13.70 -1.70
N PHE H 63 20.05 -14.79 -2.39
CA PHE H 63 19.44 -15.93 -1.73
C PHE H 63 20.42 -16.61 -0.78
N VAL H 64 21.66 -16.80 -1.23
CA VAL H 64 22.71 -17.32 -0.34
C VAL H 64 22.87 -16.42 0.87
N ASN H 65 22.91 -15.10 0.64
CA ASN H 65 23.09 -14.17 1.74
C ASN H 65 21.93 -14.26 2.74
N ASP H 66 20.70 -14.36 2.23
CA ASP H 66 19.54 -14.42 3.10
C ASP H 66 19.51 -15.71 3.90
N VAL H 67 19.82 -16.85 3.25
CA VAL H 67 19.85 -18.12 3.96
C VAL H 67 20.94 -18.10 5.03
N PHE H 68 22.12 -17.56 4.69
CA PHE H 68 23.20 -17.47 5.67
C PHE H 68 22.81 -16.58 6.84
N GLU H 69 22.15 -15.45 6.56
CA GLU H 69 21.70 -14.57 7.63
C GLU H 69 20.71 -15.28 8.54
N ARG H 70 19.72 -15.96 7.95
CA ARG H 70 18.72 -16.65 8.76
C ARG H 70 19.36 -17.73 9.63
N ILE H 71 20.26 -18.53 9.04
CA ILE H 71 20.88 -19.62 9.78
C ILE H 71 21.74 -19.06 10.91
N ALA H 72 22.54 -18.03 10.61
CA ALA H 72 23.39 -17.44 11.64
C ALA H 72 22.57 -16.83 12.76
N GLY H 73 21.46 -16.16 12.41
CA GLY H 73 20.62 -15.58 13.45
C GLY H 73 20.00 -16.64 14.34
N GLU H 74 19.48 -17.71 13.73
CA GLU H 74 18.90 -18.78 14.54
C GLU H 74 19.94 -19.44 15.43
N ALA H 75 21.15 -19.66 14.89
CA ALA H 75 22.20 -20.27 15.68
C ALA H 75 22.62 -19.38 16.84
N SER H 76 22.73 -18.07 16.60
CA SER H 76 23.11 -17.14 17.66
C SER H 76 22.03 -17.10 18.73
N ARG H 77 20.76 -17.04 18.32
CA ARG H 77 19.67 -17.04 19.29
C ARG H 77 19.67 -18.32 20.13
N LEU H 78 19.91 -19.46 19.49
CA LEU H 78 19.93 -20.73 20.21
C LEU H 78 21.10 -20.78 21.19
N ALA H 79 22.29 -20.36 20.75
CA ALA H 79 23.44 -20.35 21.63
C ALA H 79 23.23 -19.43 22.82
N HIS H 80 22.63 -18.26 22.58
CA HIS H 80 22.32 -17.35 23.68
C HIS H 80 21.28 -17.97 24.62
N TYR H 81 20.35 -18.75 24.07
CA TYR H 81 19.32 -19.37 24.90
C TYR H 81 19.93 -20.41 25.83
N ASN H 82 21.04 -21.03 25.44
CA ASN H 82 21.75 -21.96 26.29
C ASN H 82 22.86 -21.29 27.10
N LYS H 83 22.87 -19.95 27.14
CA LYS H 83 23.87 -19.18 27.88
C LYS H 83 25.29 -19.48 27.43
N ARG H 84 25.45 -19.98 26.21
CA ARG H 84 26.77 -20.23 25.64
C ARG H 84 27.28 -18.97 24.94
N SER H 85 28.52 -19.02 24.49
CA SER H 85 29.11 -17.87 23.79
C SER H 85 29.96 -18.28 22.59
N THR H 86 29.91 -19.54 22.17
CA THR H 86 30.73 -20.03 21.06
C THR H 86 29.83 -20.79 20.10
N ILE H 87 29.57 -20.20 18.94
CA ILE H 87 28.80 -20.87 17.91
C ILE H 87 29.70 -21.92 17.25
N THR H 88 29.30 -23.19 17.36
CA THR H 88 30.09 -24.29 16.82
C THR H 88 29.30 -25.13 15.84
N SER H 89 29.86 -26.28 15.45
CA SER H 89 29.20 -27.12 14.44
C SER H 89 27.85 -27.63 14.92
N ARG H 90 27.76 -27.96 16.22
CA ARG H 90 26.49 -28.43 16.76
C ARG H 90 25.41 -27.38 16.65
N GLU H 91 25.75 -26.12 16.91
CA GLU H 91 24.79 -25.03 16.78
C GLU H 91 24.28 -24.91 15.35
N ILE H 92 25.18 -24.98 14.38
CA ILE H 92 24.77 -24.85 12.98
C ILE H 92 23.93 -26.04 12.55
N GLN H 93 24.29 -27.23 13.02
CA GLN H 93 23.49 -28.41 12.70
C GLN H 93 22.08 -28.29 13.25
N THR H 94 21.95 -27.86 14.51
CA THR H 94 20.63 -27.69 15.10
C THR H 94 19.85 -26.59 14.38
N ALA H 95 20.52 -25.49 14.01
CA ALA H 95 19.84 -24.42 13.30
C ALA H 95 19.34 -24.89 11.94
N VAL H 96 20.13 -25.73 11.25
CA VAL H 96 19.70 -26.27 9.96
C VAL H 96 18.52 -27.20 10.15
N ARG H 97 18.56 -28.06 11.17
CA ARG H 97 17.42 -28.91 11.47
C ARG H 97 16.17 -28.10 11.78
N LEU H 98 16.36 -26.91 12.36
CA LEU H 98 15.22 -26.06 12.65
C LEU H 98 14.67 -25.42 11.38
N LEU H 99 15.54 -24.82 10.57
CA LEU H 99 15.08 -24.02 9.45
C LEU H 99 14.63 -24.87 8.26
N LEU H 100 15.41 -25.88 7.90
CA LEU H 100 14.94 -26.57 6.71
C LEU H 100 13.94 -27.67 7.09
N PRO H 101 12.87 -27.83 6.31
CA PRO H 101 11.86 -28.85 6.63
C PRO H 101 12.21 -30.20 6.02
N GLY H 102 12.32 -31.22 6.87
CA GLY H 102 12.31 -32.59 6.39
C GLY H 102 13.58 -32.99 5.64
N GLU H 103 13.37 -33.59 4.46
CA GLU H 103 14.47 -34.22 3.74
C GLU H 103 15.54 -33.23 3.32
N LEU H 104 15.15 -31.97 3.06
CA LEU H 104 16.15 -30.94 2.81
C LEU H 104 17.10 -30.82 4.00
N ALA H 105 16.55 -30.72 5.21
CA ALA H 105 17.38 -30.66 6.41
C ALA H 105 18.18 -31.94 6.60
N LYS H 106 17.60 -33.09 6.25
CA LYS H 106 18.32 -34.36 6.41
C LYS H 106 19.55 -34.41 5.52
N HIS H 107 19.38 -34.12 4.23
CA HIS H 107 20.53 -34.11 3.34
C HIS H 107 21.50 -32.99 3.68
N ALA H 108 21.00 -31.88 4.24
CA ALA H 108 21.88 -30.79 4.64
C ALA H 108 22.76 -31.20 5.81
N VAL H 109 22.17 -31.84 6.83
CA VAL H 109 22.97 -32.29 7.97
C VAL H 109 23.94 -33.39 7.54
N SER H 110 23.53 -34.22 6.57
CA SER H 110 24.44 -35.23 6.04
C SER H 110 25.65 -34.57 5.39
N GLU H 111 25.41 -33.61 4.50
CA GLU H 111 26.51 -32.92 3.83
C GLU H 111 27.40 -32.18 4.82
N GLY H 112 26.79 -31.54 5.82
CA GLY H 112 27.57 -30.82 6.81
C GLY H 112 28.45 -31.75 7.63
N THR H 113 27.90 -32.88 8.06
CA THR H 113 28.69 -33.86 8.79
C THR H 113 29.82 -34.41 7.94
N LYS H 114 29.55 -34.66 6.65
CA LYS H 114 30.59 -35.16 5.76
C LYS H 114 31.72 -34.14 5.59
N ALA H 115 31.37 -32.87 5.41
CA ALA H 115 32.39 -31.83 5.26
C ALA H 115 33.17 -31.66 6.55
N VAL H 116 32.50 -31.72 7.70
CA VAL H 116 33.19 -31.62 8.98
C VAL H 116 34.17 -32.76 9.14
N THR H 117 33.75 -33.98 8.77
CA THR H 117 34.64 -35.13 8.83
C THR H 117 35.85 -34.93 7.93
N LYS H 118 35.62 -34.49 6.69
CA LYS H 118 36.72 -34.28 5.75
C LYS H 118 37.71 -33.25 6.28
N TYR H 119 37.19 -32.16 6.85
CA TYR H 119 38.09 -31.10 7.33
C TYR H 119 38.83 -31.53 8.59
N THR H 120 38.16 -32.22 9.50
CA THR H 120 38.80 -32.62 10.75
C THR H 120 39.77 -33.76 10.54
N SER H 121 39.59 -34.56 9.49
CA SER H 121 40.53 -35.65 9.22
C SER H 121 41.92 -35.12 8.94
N ALA H 122 42.03 -33.91 8.41
CA ALA H 122 43.33 -33.30 8.14
C ALA H 122 43.69 -32.30 9.24
N LYS K 21 4.47 -47.98 30.53
CA LYS K 21 4.14 -46.57 30.58
C LYS K 21 4.39 -45.90 29.23
N VAL K 22 3.70 -46.40 28.20
CA VAL K 22 3.83 -45.88 26.84
C VAL K 22 2.45 -45.44 26.38
N LEU K 23 2.38 -44.27 25.74
CA LEU K 23 1.14 -43.69 25.28
C LEU K 23 1.00 -43.88 23.76
N ARG K 24 -0.26 -43.92 23.31
CA ARG K 24 -0.57 -44.09 21.90
C ARG K 24 -2.05 -43.85 21.70
N ASP K 25 -2.40 -43.52 20.45
CA ASP K 25 -3.77 -43.45 19.96
C ASP K 25 -4.66 -42.51 20.76
N ASN K 26 -4.08 -41.56 21.49
CA ASN K 26 -4.84 -40.61 22.30
C ASN K 26 -5.17 -39.34 21.52
N ILE K 27 -5.25 -39.42 20.19
CA ILE K 27 -5.67 -38.26 19.41
C ILE K 27 -7.12 -37.90 19.74
N GLN K 28 -7.92 -38.88 20.15
CA GLN K 28 -9.28 -38.59 20.58
C GLN K 28 -9.31 -37.92 21.95
N GLY K 29 -8.16 -37.60 22.54
CA GLY K 29 -8.16 -36.79 23.73
C GLY K 29 -8.90 -35.49 23.53
N ILE K 30 -8.84 -34.93 22.33
CA ILE K 30 -9.70 -33.84 21.93
C ILE K 30 -11.06 -34.42 21.58
N THR K 31 -12.12 -33.87 22.14
CA THR K 31 -13.45 -34.43 21.96
C THR K 31 -14.33 -33.49 21.14
N LYS K 32 -15.38 -34.05 20.56
CA LYS K 32 -16.36 -33.26 19.81
C LYS K 32 -16.94 -32.09 20.61
N PRO K 33 -17.41 -32.26 21.84
CA PRO K 33 -17.90 -31.08 22.58
C PRO K 33 -16.81 -30.09 22.90
N ALA K 34 -15.56 -30.54 23.08
CA ALA K 34 -14.46 -29.61 23.30
C ALA K 34 -14.24 -28.75 22.06
N ILE K 35 -14.17 -29.38 20.89
CA ILE K 35 -14.02 -28.63 19.64
C ILE K 35 -15.21 -27.70 19.44
N ARG K 36 -16.40 -28.14 19.84
CA ARG K 36 -17.59 -27.32 19.67
C ARG K 36 -17.54 -26.08 20.56
N ARG K 37 -17.12 -26.25 21.82
CA ARG K 37 -16.95 -25.10 22.71
C ARG K 37 -15.88 -24.16 22.17
N LEU K 38 -14.81 -24.73 21.60
CA LEU K 38 -13.75 -23.91 21.02
C LEU K 38 -14.27 -23.08 19.86
N ALA K 39 -15.09 -23.70 19.00
CA ALA K 39 -15.69 -22.99 17.89
C ALA K 39 -16.67 -21.93 18.38
N ARG K 40 -17.41 -22.23 19.45
CA ARG K 40 -18.29 -21.24 20.05
C ARG K 40 -17.49 -20.02 20.50
N ARG K 41 -16.34 -20.26 21.15
CA ARG K 41 -15.42 -19.16 21.44
C ARG K 41 -15.03 -18.43 20.16
N GLY K 42 -14.81 -19.17 19.08
CA GLY K 42 -14.60 -18.56 17.79
C GLY K 42 -15.83 -17.98 17.14
N GLY K 43 -16.95 -17.95 17.85
CA GLY K 43 -18.16 -17.36 17.33
C GLY K 43 -18.93 -18.17 16.32
N VAL K 44 -18.59 -19.45 16.16
CA VAL K 44 -19.27 -20.29 15.18
C VAL K 44 -20.63 -20.70 15.70
N LYS K 45 -21.64 -20.61 14.84
CA LYS K 45 -23.02 -20.94 15.23
C LYS K 45 -23.34 -22.40 14.93
N ARG K 46 -23.16 -22.83 13.69
CA ARG K 46 -23.48 -24.18 13.27
C ARG K 46 -22.24 -24.86 12.68
N ILE K 47 -22.07 -26.13 13.01
CA ILE K 47 -20.89 -26.90 12.61
C ILE K 47 -21.35 -28.23 12.04
N SER K 48 -20.68 -28.67 10.97
CA SER K 48 -20.92 -29.98 10.40
C SER K 48 -20.04 -31.01 11.11
N GLY K 49 -20.51 -32.26 11.16
CA GLY K 49 -19.75 -33.30 11.83
C GLY K 49 -18.39 -33.54 11.19
N LEU K 50 -18.33 -33.54 9.86
CA LEU K 50 -17.08 -33.79 9.15
C LEU K 50 -15.98 -32.80 9.53
N ILE K 51 -16.33 -31.74 10.26
CA ILE K 51 -15.32 -30.80 10.73
C ILE K 51 -14.46 -31.44 11.82
N TYR K 52 -15.11 -32.09 12.80
CA TYR K 52 -14.49 -32.38 14.09
C TYR K 52 -13.15 -33.10 13.95
N GLU K 53 -13.20 -34.35 13.47
CA GLU K 53 -11.96 -35.10 13.28
C GLU K 53 -11.03 -34.39 12.31
N GLU K 54 -11.60 -33.76 11.28
CA GLU K 54 -10.82 -32.91 10.40
C GLU K 54 -9.98 -31.93 11.21
N THR K 55 -10.65 -31.14 12.06
CA THR K 55 -9.95 -30.20 12.93
C THR K 55 -8.83 -30.89 13.68
N ARG K 56 -9.11 -32.09 14.19
CA ARG K 56 -8.10 -32.86 14.91
C ARG K 56 -6.80 -32.91 14.12
N GLY K 57 -6.89 -33.39 12.88
CA GLY K 57 -5.73 -33.45 12.01
C GLY K 57 -4.99 -32.13 11.99
N VAL K 58 -5.71 -31.06 11.69
CA VAL K 58 -5.10 -29.73 11.67
C VAL K 58 -4.32 -29.51 12.96
N LEU K 59 -4.99 -29.67 14.09
CA LEU K 59 -4.34 -29.49 15.38
C LEU K 59 -3.07 -30.33 15.45
N LYS K 60 -3.20 -31.63 15.18
CA LYS K 60 -2.02 -32.51 15.19
C LYS K 60 -0.94 -31.95 14.28
N VAL K 61 -1.31 -31.60 13.05
CA VAL K 61 -0.35 -31.02 12.10
C VAL K 61 0.40 -29.89 12.77
N PHE K 62 -0.34 -28.96 13.38
CA PHE K 62 0.27 -27.81 14.03
C PHE K 62 1.35 -28.25 14.99
N LEU K 63 1.04 -29.22 15.85
CA LEU K 63 2.01 -29.67 16.83
C LEU K 63 3.26 -30.19 16.15
N GLU K 64 3.10 -31.02 15.11
CA GLU K 64 4.26 -31.57 14.42
C GLU K 64 5.25 -30.52 13.96
N ASN K 65 4.81 -29.27 13.87
CA ASN K 65 5.80 -28.21 13.68
C ASN K 65 6.43 -27.84 15.02
N VAL K 66 5.64 -27.23 15.91
CA VAL K 66 6.22 -26.60 17.10
C VAL K 66 6.85 -27.65 17.99
N ILE K 67 6.12 -28.73 18.26
CA ILE K 67 6.62 -29.84 19.06
C ILE K 67 8.01 -30.19 18.57
N ARG K 68 8.13 -30.43 17.26
CA ARG K 68 9.42 -30.79 16.70
C ARG K 68 10.48 -29.80 17.14
N ASP K 69 10.29 -28.54 16.76
CA ASP K 69 11.25 -27.50 17.12
C ASP K 69 11.52 -27.50 18.61
N ALA K 70 10.46 -27.67 19.42
CA ALA K 70 10.62 -27.76 20.86
C ALA K 70 11.72 -28.74 21.23
N VAL K 71 11.55 -30.02 20.87
CA VAL K 71 12.54 -31.01 21.27
C VAL K 71 13.90 -30.65 20.67
N THR K 72 13.89 -30.07 19.46
CA THR K 72 15.14 -29.68 18.82
C THR K 72 15.94 -28.77 19.72
N TYR K 73 15.27 -27.77 20.31
CA TYR K 73 15.96 -26.89 21.24
C TYR K 73 16.52 -27.68 22.41
N THR K 74 15.69 -28.53 23.01
CA THR K 74 16.18 -29.42 24.06
C THR K 74 17.27 -30.33 23.53
N GLU K 75 17.14 -30.75 22.27
CA GLU K 75 18.18 -31.55 21.64
C GLU K 75 19.51 -30.82 21.66
N HIS K 76 19.48 -29.51 21.43
CA HIS K 76 20.72 -28.73 21.53
C HIS K 76 21.10 -28.50 22.98
N ALA K 77 20.12 -28.41 23.87
CA ALA K 77 20.40 -28.18 25.28
C ALA K 77 20.98 -29.40 25.98
N LYS K 78 21.06 -30.54 25.28
CA LYS K 78 21.56 -31.80 25.84
C LYS K 78 20.78 -32.23 27.08
N ARG K 79 19.55 -31.72 27.23
CA ARG K 79 18.68 -32.07 28.34
C ARG K 79 17.76 -33.21 27.91
N LYS K 80 16.76 -33.51 28.74
CA LYS K 80 15.85 -34.63 28.46
C LYS K 80 14.38 -34.25 28.62
N THR K 81 14.09 -33.04 29.09
CA THR K 81 12.72 -32.56 29.22
C THR K 81 12.60 -31.24 28.45
N VAL K 82 11.39 -30.69 28.45
CA VAL K 82 11.10 -29.46 27.71
C VAL K 82 10.72 -28.37 28.72
N THR K 83 11.28 -27.18 28.53
CA THR K 83 10.96 -26.03 29.37
C THR K 83 9.99 -25.12 28.63
N ALA K 84 9.34 -24.24 29.38
CA ALA K 84 8.45 -23.26 28.78
C ALA K 84 9.17 -22.42 27.73
N MET K 85 10.40 -21.99 28.05
CA MET K 85 11.18 -21.20 27.11
C MET K 85 11.32 -21.91 25.78
N ASP K 86 11.42 -23.23 25.78
CA ASP K 86 11.59 -23.98 24.54
C ASP K 86 10.39 -23.80 23.62
N VAL K 87 9.19 -24.04 24.13
CA VAL K 87 8.01 -23.91 23.29
C VAL K 87 7.76 -22.45 22.93
N VAL K 88 8.13 -21.51 23.81
CA VAL K 88 8.02 -20.10 23.45
C VAL K 88 8.91 -19.79 22.25
N TYR K 89 10.16 -20.26 22.27
CA TYR K 89 11.05 -20.01 21.15
C TYR K 89 10.54 -20.70 19.89
N ALA K 90 10.01 -21.90 20.03
CA ALA K 90 9.47 -22.62 18.88
C ALA K 90 8.34 -21.84 18.23
N LEU K 91 7.40 -21.35 19.04
CA LEU K 91 6.31 -20.54 18.52
C LEU K 91 6.83 -19.22 17.95
N LYS K 92 7.91 -18.68 18.52
CA LYS K 92 8.46 -17.42 18.04
C LYS K 92 9.03 -17.58 16.64
N ARG K 93 9.86 -18.61 16.42
CA ARG K 93 10.45 -18.82 15.11
C ARG K 93 9.40 -19.17 14.06
N GLN K 94 8.17 -19.48 14.47
CA GLN K 94 7.09 -19.77 13.55
C GLN K 94 6.15 -18.58 13.37
N GLY K 95 6.57 -17.39 13.79
CA GLY K 95 5.73 -16.21 13.65
C GLY K 95 4.50 -16.22 14.51
N ARG K 96 4.45 -17.04 15.55
CA ARG K 96 3.32 -17.15 16.45
C ARG K 96 3.79 -16.99 17.90
N THR K 97 4.59 -15.96 18.14
CA THR K 97 5.15 -15.73 19.46
C THR K 97 4.05 -15.63 20.52
N LEU K 98 4.39 -16.03 21.74
CA LEU K 98 3.45 -16.07 22.85
C LEU K 98 4.07 -15.41 24.07
N TYR K 99 3.27 -14.64 24.81
CA TYR K 99 3.72 -13.95 25.98
C TYR K 99 3.31 -14.72 27.24
N GLY K 100 3.75 -14.21 28.40
CA GLY K 100 3.36 -14.78 29.67
C GLY K 100 4.33 -15.76 30.27
N PHE K 101 5.40 -16.13 29.57
CA PHE K 101 6.33 -17.11 30.08
C PHE K 101 7.79 -16.79 29.81
N GLY K 102 8.09 -15.63 29.25
CA GLY K 102 9.47 -15.25 28.96
C GLY K 102 9.75 -15.05 27.49
#